data_6WK9
#
_entry.id   6WK9
#
_cell.length_a   51.042
_cell.length_b   75.828
_cell.length_c   109.123
_cell.angle_alpha   92.540
_cell.angle_beta   90.040
_cell.angle_gamma   109.630
#
_symmetry.space_group_name_H-M   'P 1'
#
loop_
_entity.id
_entity.type
_entity.pdbx_description
1 polymer 'Multidrug resistance protein, SMR family'
2 polymer 'L10 monobody'
3 non-polymer DECYL-BETA-D-MALTOPYRANOSIDE
4 non-polymer N-octylguanidine
5 water water
#
loop_
_entity_poly.entity_id
_entity_poly.type
_entity_poly.pdbx_seq_one_letter_code
_entity_poly.pdbx_strand_id
1 'polypeptide(L)'
;MAWLILIIAGIFEVVWAIALKYSNGFTRLIPSMITLIGMLISFYLLSQATKTLPIGTAYAIWTGIGALGAVICGIIFFKE
PLTALRIVFMILLLTGIIGLKATSS
;
B,A,F,E
2 'polypeptide(L)'
;VSSVPTKLEVVAATPTSLLISWDAGHWWEWVTYYRITYGETGGNSPVQEFTVPGYSSTATISGLKPGVDYTITVYAPTSD
YGSPISINYRT
;
C,D,G,H
#
loop_
_chem_comp.id
_chem_comp.type
_chem_comp.name
_chem_comp.formula
DMU D-saccharide DECYL-BETA-D-MALTOPYRANOSIDE 'C22 H42 O11'
U4G non-polymer N-octylguanidine 'C9 H21 N3'
#
# COMPACT_ATOMS: atom_id res chain seq x y z
N MET A 1 -29.94 21.43 -25.80
CA MET A 1 -30.20 21.14 -24.40
C MET A 1 -28.92 21.19 -23.58
N ALA A 2 -27.85 20.59 -24.10
CA ALA A 2 -26.55 20.75 -23.48
C ALA A 2 -26.07 22.18 -23.57
N TRP A 3 -26.44 22.89 -24.62
CA TRP A 3 -26.14 24.32 -24.70
C TRP A 3 -27.00 25.11 -23.72
N LEU A 4 -28.28 24.75 -23.61
CA LEU A 4 -29.15 25.36 -22.61
C LEU A 4 -28.57 25.19 -21.21
N ILE A 5 -28.03 24.00 -20.92
CA ILE A 5 -27.40 23.76 -19.62
C ILE A 5 -26.19 24.68 -19.43
N LEU A 6 -25.45 24.95 -20.51
CA LEU A 6 -24.28 25.81 -20.42
C LEU A 6 -24.66 27.23 -20.03
N ILE A 7 -25.71 27.77 -20.66
CA ILE A 7 -26.13 29.14 -20.35
C ILE A 7 -26.53 29.25 -18.89
N ILE A 8 -27.29 28.28 -18.39
CA ILE A 8 -27.73 28.30 -16.99
C ILE A 8 -26.53 28.15 -16.06
N ALA A 9 -25.56 27.31 -16.45
CA ALA A 9 -24.35 27.17 -15.63
C ALA A 9 -23.58 28.47 -15.56
N GLY A 10 -23.45 29.18 -16.69
CA GLY A 10 -22.83 30.49 -16.67
C GLY A 10 -23.61 31.50 -15.85
N ILE A 11 -24.93 31.36 -15.82
CA ILE A 11 -25.76 32.25 -15.00
C ILE A 11 -25.45 32.03 -13.52
N PHE A 12 -25.41 30.76 -13.09
CA PHE A 12 -25.07 30.48 -11.71
C PHE A 12 -23.60 30.74 -11.40
N GLU A 13 -22.76 30.87 -12.44
CA GLU A 13 -21.37 31.24 -12.21
C GLU A 13 -21.25 32.66 -11.69
N VAL A 14 -22.07 33.58 -12.21
CA VAL A 14 -21.99 34.96 -11.77
C VAL A 14 -22.77 35.18 -10.47
N VAL A 15 -23.82 34.40 -10.21
CA VAL A 15 -24.61 34.62 -9.00
C VAL A 15 -23.80 34.25 -7.76
N TRP A 16 -22.98 33.20 -7.82
CA TRP A 16 -22.16 32.89 -6.67
C TRP A 16 -20.96 33.84 -6.59
N ALA A 17 -20.55 34.41 -7.72
CA ALA A 17 -19.44 35.35 -7.72
C ALA A 17 -19.79 36.61 -6.93
N ILE A 18 -20.93 37.23 -7.27
CA ILE A 18 -21.34 38.45 -6.57
C ILE A 18 -21.94 38.15 -5.21
N ALA A 19 -22.49 36.95 -5.00
CA ALA A 19 -22.89 36.59 -3.64
C ALA A 19 -21.69 36.33 -2.74
N LEU A 20 -20.54 35.99 -3.33
CA LEU A 20 -19.34 35.78 -2.53
C LEU A 20 -18.81 37.09 -1.97
N LYS A 21 -18.77 38.12 -2.81
CA LYS A 21 -18.35 39.44 -2.33
C LYS A 21 -19.37 40.04 -1.38
N TYR A 22 -20.65 39.69 -1.53
CA TYR A 22 -21.66 40.14 -0.58
C TYR A 22 -21.69 39.30 0.69
N SER A 23 -21.15 38.08 0.65
CA SER A 23 -20.71 37.46 1.88
C SER A 23 -19.42 38.13 2.35
N ASN A 24 -19.11 37.95 3.63
CA ASN A 24 -17.83 38.42 4.12
C ASN A 24 -16.85 37.25 4.08
N GLY A 25 -16.04 37.07 5.12
CA GLY A 25 -15.12 35.96 5.15
C GLY A 25 -15.82 34.61 5.20
N PHE A 26 -16.76 34.38 4.28
CA PHE A 26 -17.67 33.24 4.32
C PHE A 26 -18.34 33.16 5.69
N THR A 27 -18.79 34.31 6.18
CA THR A 27 -19.33 34.44 7.53
C THR A 27 -20.80 34.82 7.58
N ARG A 28 -21.34 35.46 6.54
CA ARG A 28 -22.78 35.73 6.51
C ARG A 28 -23.52 34.51 5.99
N LEU A 29 -24.51 34.05 6.75
CA LEU A 29 -25.15 32.77 6.46
C LEU A 29 -25.80 32.78 5.08
N ILE A 30 -26.72 33.70 4.84
CA ILE A 30 -27.49 33.68 3.59
C ILE A 30 -26.61 33.85 2.37
N PRO A 31 -25.69 34.83 2.30
CA PRO A 31 -24.81 34.88 1.12
C PRO A 31 -23.91 33.67 0.99
N SER A 32 -23.34 33.18 2.10
CA SER A 32 -22.48 32.00 2.04
C SER A 32 -23.25 30.79 1.53
N MET A 33 -24.53 30.66 1.90
CA MET A 33 -25.34 29.56 1.37
C MET A 33 -25.61 29.72 -0.11
N ILE A 34 -25.85 30.96 -0.55
CA ILE A 34 -26.12 31.20 -1.97
C ILE A 34 -24.89 30.89 -2.81
N THR A 35 -23.70 31.27 -2.32
CA THR A 35 -22.47 30.94 -3.02
C THR A 35 -22.30 29.43 -3.13
N LEU A 36 -22.41 28.73 -2.00
CA LEU A 36 -22.22 27.29 -1.99
C LEU A 36 -23.21 26.59 -2.91
N ILE A 37 -24.48 27.02 -2.88
CA ILE A 37 -25.48 26.46 -3.78
C ILE A 37 -25.19 26.87 -5.21
N GLY A 38 -24.76 28.12 -5.41
CA GLY A 38 -24.43 28.57 -6.75
C GLY A 38 -23.20 27.88 -7.33
N MET A 39 -22.22 27.58 -6.48
CA MET A 39 -21.02 26.89 -6.94
C MET A 39 -21.33 25.45 -7.33
N LEU A 40 -22.04 24.73 -6.45
CA LEU A 40 -22.35 23.33 -6.72
C LEU A 40 -23.21 23.18 -7.97
N ILE A 41 -24.18 24.08 -8.15
CA ILE A 41 -25.04 24.01 -9.32
C ILE A 41 -24.25 24.32 -10.59
N SER A 42 -23.34 25.30 -10.53
CA SER A 42 -22.53 25.62 -11.70
C SER A 42 -21.60 24.47 -12.07
N PHE A 43 -21.00 23.82 -11.08
CA PHE A 43 -20.09 22.72 -11.38
C PHE A 43 -20.85 21.48 -11.88
N TYR A 44 -22.05 21.24 -11.32
CA TYR A 44 -22.81 20.07 -11.74
C TYR A 44 -23.29 20.22 -13.18
N LEU A 45 -23.89 21.36 -13.50
CA LEU A 45 -24.39 21.56 -14.86
C LEU A 45 -23.26 21.58 -15.88
N LEU A 46 -22.12 22.17 -15.52
CA LEU A 46 -20.97 22.17 -16.43
C LEU A 46 -20.46 20.75 -16.66
N SER A 47 -20.38 19.94 -15.61
CA SER A 47 -19.91 18.57 -15.76
C SER A 47 -20.87 17.73 -16.60
N GLN A 48 -22.17 18.01 -16.52
CA GLN A 48 -23.12 17.28 -17.36
C GLN A 48 -23.03 17.75 -18.80
N ALA A 49 -22.77 19.04 -19.03
CA ALA A 49 -22.72 19.55 -20.39
C ALA A 49 -21.45 19.09 -21.10
N THR A 50 -20.39 18.76 -20.36
CA THR A 50 -19.14 18.34 -20.97
C THR A 50 -19.23 16.95 -21.59
N LYS A 51 -20.28 16.18 -21.26
CA LYS A 51 -20.38 14.82 -21.79
C LYS A 51 -20.61 14.83 -23.30
N THR A 52 -21.43 15.76 -23.80
CA THR A 52 -21.80 15.79 -25.20
C THR A 52 -21.14 16.91 -26.00
N LEU A 53 -20.45 17.83 -25.34
CA LEU A 53 -19.85 18.96 -26.03
C LEU A 53 -18.33 18.95 -25.85
N PRO A 54 -17.59 19.48 -26.82
CA PRO A 54 -16.13 19.58 -26.66
C PRO A 54 -15.76 20.47 -25.49
N ILE A 55 -14.69 20.09 -24.78
CA ILE A 55 -14.33 20.80 -23.56
C ILE A 55 -13.82 22.20 -23.86
N GLY A 56 -13.13 22.39 -24.99
CA GLY A 56 -12.67 23.72 -25.35
C GLY A 56 -13.82 24.67 -25.61
N THR A 57 -14.90 24.16 -26.19
CA THR A 57 -16.09 24.98 -26.43
C THR A 57 -16.90 25.17 -25.15
N ALA A 58 -17.06 24.10 -24.36
CA ALA A 58 -17.85 24.19 -23.15
C ALA A 58 -17.21 25.12 -22.13
N TYR A 59 -15.87 25.06 -21.99
CA TYR A 59 -15.20 25.93 -21.03
C TYR A 59 -15.28 27.39 -21.44
N ALA A 60 -15.09 27.67 -22.75
CA ALA A 60 -15.05 29.05 -23.20
C ALA A 60 -16.42 29.71 -23.13
N ILE A 61 -17.47 28.99 -23.51
CA ILE A 61 -18.81 29.56 -23.48
C ILE A 61 -19.31 29.71 -22.05
N TRP A 62 -18.98 28.74 -21.19
CA TRP A 62 -19.36 28.83 -19.78
C TRP A 62 -18.69 30.01 -19.10
N THR A 63 -17.39 30.23 -19.39
CA THR A 63 -16.72 31.43 -18.90
C THR A 63 -17.32 32.69 -19.52
N GLY A 64 -17.65 32.62 -20.82
CA GLY A 64 -18.14 33.80 -21.51
C GLY A 64 -19.45 34.32 -20.93
N ILE A 65 -20.37 33.42 -20.60
CA ILE A 65 -21.63 33.84 -20.01
C ILE A 65 -21.41 34.40 -18.60
N GLY A 66 -20.50 33.79 -17.85
CA GLY A 66 -20.21 34.30 -16.52
C GLY A 66 -19.64 35.70 -16.56
N ALA A 67 -18.69 35.94 -17.46
CA ALA A 67 -18.11 37.27 -17.60
C ALA A 67 -19.10 38.26 -18.18
N LEU A 68 -19.91 37.82 -19.16
CA LEU A 68 -20.93 38.69 -19.73
C LEU A 68 -21.95 39.09 -18.66
N GLY A 69 -22.51 38.09 -17.96
CA GLY A 69 -23.46 38.40 -16.90
C GLY A 69 -22.86 39.21 -15.78
N ALA A 70 -21.55 39.09 -15.55
CA ALA A 70 -20.89 39.90 -14.53
C ALA A 70 -20.89 41.37 -14.91
N VAL A 71 -20.65 41.67 -16.17
CA VAL A 71 -20.66 43.07 -16.62
C VAL A 71 -22.09 43.57 -16.76
N ILE A 72 -22.99 42.71 -17.25
CA ILE A 72 -24.40 43.09 -17.35
C ILE A 72 -24.95 43.42 -15.96
N CYS A 73 -24.59 42.62 -14.95
CA CYS A 73 -25.03 42.90 -13.60
C CYS A 73 -24.29 44.09 -13.00
N GLY A 74 -23.02 44.29 -13.38
CA GLY A 74 -22.27 45.42 -12.87
C GLY A 74 -22.83 46.75 -13.34
N ILE A 75 -23.11 46.86 -14.64
CA ILE A 75 -23.61 48.11 -15.19
C ILE A 75 -25.00 48.43 -14.64
N ILE A 76 -25.81 47.42 -14.34
CA ILE A 76 -27.19 47.64 -13.95
C ILE A 76 -27.33 47.74 -12.43
N PHE A 77 -26.72 46.83 -11.67
CA PHE A 77 -26.93 46.75 -10.24
C PHE A 77 -25.78 47.37 -9.43
N PHE A 78 -24.97 48.22 -10.05
CA PHE A 78 -23.82 48.77 -9.33
C PHE A 78 -23.39 50.14 -9.82
N LYS A 79 -24.04 50.71 -10.83
CA LYS A 79 -23.67 52.02 -11.38
C LYS A 79 -22.23 52.00 -11.90
N GLU A 80 -21.93 51.02 -12.76
CA GLU A 80 -20.65 50.74 -13.39
C GLU A 80 -20.49 51.57 -14.67
N PRO A 81 -19.29 52.05 -14.97
CA PRO A 81 -19.10 52.84 -16.20
C PRO A 81 -19.20 51.96 -17.45
N LEU A 82 -20.06 52.39 -18.37
CA LEU A 82 -20.21 51.75 -19.67
C LEU A 82 -19.38 52.50 -20.70
N THR A 83 -18.48 51.78 -21.38
CA THR A 83 -17.54 52.36 -22.32
C THR A 83 -17.79 51.78 -23.71
N ALA A 84 -17.32 52.51 -24.72
CA ALA A 84 -17.34 51.97 -26.08
C ALA A 84 -16.48 50.72 -26.19
N LEU A 85 -15.38 50.67 -25.44
CA LEU A 85 -14.55 49.47 -25.42
C LEU A 85 -15.30 48.28 -24.85
N ARG A 86 -15.96 48.47 -23.71
CA ARG A 86 -16.69 47.37 -23.10
C ARG A 86 -17.87 46.92 -23.96
N ILE A 87 -18.48 47.85 -24.70
CA ILE A 87 -19.58 47.49 -25.59
C ILE A 87 -19.09 46.55 -26.68
N VAL A 88 -18.02 46.95 -27.39
CA VAL A 88 -17.52 46.13 -28.47
C VAL A 88 -16.94 44.82 -27.93
N PHE A 89 -16.49 44.81 -26.67
CA PHE A 89 -16.02 43.57 -26.07
C PHE A 89 -17.18 42.62 -25.79
N MET A 90 -18.32 43.16 -25.37
CA MET A 90 -19.51 42.33 -25.23
C MET A 90 -20.03 41.87 -26.59
N ILE A 91 -19.82 42.66 -27.64
CA ILE A 91 -20.26 42.26 -28.98
C ILE A 91 -19.39 41.12 -29.50
N LEU A 92 -18.07 41.19 -29.26
CA LEU A 92 -17.21 40.07 -29.61
C LEU A 92 -17.60 38.82 -28.84
N LEU A 93 -18.02 38.98 -27.58
CA LEU A 93 -18.39 37.84 -26.76
C LEU A 93 -19.64 37.16 -27.31
N LEU A 94 -20.71 37.93 -27.51
CA LEU A 94 -21.95 37.35 -28.02
C LEU A 94 -21.79 36.82 -29.43
N THR A 95 -20.91 37.43 -30.23
CA THR A 95 -20.67 36.93 -31.59
C THR A 95 -20.00 35.57 -31.55
N GLY A 96 -19.00 35.40 -30.69
CA GLY A 96 -18.31 34.12 -30.61
C GLY A 96 -19.19 33.01 -30.08
N ILE A 97 -20.02 33.32 -29.09
CA ILE A 97 -20.93 32.31 -28.54
C ILE A 97 -21.94 31.86 -29.59
N ILE A 98 -22.63 32.83 -30.22
CA ILE A 98 -23.60 32.49 -31.24
C ILE A 98 -22.93 31.79 -32.41
N GLY A 99 -21.73 32.23 -32.80
CA GLY A 99 -21.04 31.60 -33.90
C GLY A 99 -20.68 30.15 -33.63
N LEU A 100 -20.20 29.86 -32.43
CA LEU A 100 -19.91 28.48 -32.07
C LEU A 100 -21.17 27.64 -32.02
N LYS A 101 -22.26 28.21 -31.51
CA LYS A 101 -23.54 27.50 -31.50
C LYS A 101 -24.03 27.24 -32.92
N ALA A 102 -23.65 28.08 -33.87
CA ALA A 102 -24.12 27.97 -35.25
C ALA A 102 -23.34 26.96 -36.07
N THR A 103 -22.20 26.50 -35.59
CA THR A 103 -21.42 25.47 -36.28
C THR A 103 -21.52 24.12 -35.57
N SER A 104 -22.64 23.87 -34.90
CA SER A 104 -22.85 22.64 -34.14
C SER A 104 -22.76 21.40 -35.02
N MET B 1 7.60 37.88 -9.83
CA MET B 1 7.45 36.46 -9.53
C MET B 1 5.99 36.04 -9.54
N ALA B 2 5.12 36.88 -8.97
CA ALA B 2 3.70 36.59 -8.95
C ALA B 2 3.12 36.43 -10.34
N TRP B 3 3.82 36.90 -11.37
CA TRP B 3 3.38 36.66 -12.73
C TRP B 3 3.48 35.18 -13.08
N LEU B 4 4.57 34.52 -12.69
CA LEU B 4 4.80 33.15 -13.12
C LEU B 4 3.83 32.18 -12.45
N ILE B 5 3.60 32.33 -11.14
CA ILE B 5 2.63 31.47 -10.50
C ILE B 5 1.22 31.79 -10.95
N LEU B 6 0.99 33.00 -11.46
CA LEU B 6 -0.26 33.28 -12.17
C LEU B 6 -0.34 32.48 -13.46
N ILE B 7 0.80 32.34 -14.16
CA ILE B 7 0.84 31.48 -15.34
C ILE B 7 0.48 30.05 -14.97
N ILE B 8 1.10 29.54 -13.91
CA ILE B 8 0.84 28.16 -13.49
C ILE B 8 -0.58 28.02 -12.97
N ALA B 9 -1.15 29.09 -12.40
CA ALA B 9 -2.55 29.05 -12.01
C ALA B 9 -3.44 28.80 -13.21
N GLY B 10 -3.14 29.45 -14.34
CA GLY B 10 -3.87 29.17 -15.56
C GLY B 10 -3.57 27.81 -16.14
N ILE B 11 -2.39 27.27 -15.84
CA ILE B 11 -2.04 25.93 -16.33
C ILE B 11 -2.86 24.87 -15.62
N PHE B 12 -2.96 24.96 -14.29
CA PHE B 12 -3.84 24.06 -13.55
C PHE B 12 -5.30 24.31 -13.84
N GLU B 13 -5.65 25.51 -14.33
CA GLU B 13 -6.99 25.75 -14.83
C GLU B 13 -7.27 24.86 -16.04
N VAL B 14 -6.30 24.75 -16.94
CA VAL B 14 -6.42 23.83 -18.07
C VAL B 14 -6.41 22.39 -17.59
N VAL B 15 -5.73 22.12 -16.47
CA VAL B 15 -5.57 20.75 -15.99
C VAL B 15 -6.91 20.17 -15.57
N TRP B 16 -7.63 20.86 -14.67
CA TRP B 16 -8.91 20.34 -14.21
C TRP B 16 -9.96 20.39 -15.31
N ALA B 17 -9.79 21.26 -16.31
CA ALA B 17 -10.72 21.28 -17.44
C ALA B 17 -10.59 20.01 -18.26
N ILE B 18 -9.35 19.60 -18.57
CA ILE B 18 -9.13 18.35 -19.29
C ILE B 18 -9.48 17.16 -18.40
N ALA B 19 -9.16 17.26 -17.10
CA ALA B 19 -9.51 16.18 -16.17
C ALA B 19 -11.01 16.01 -16.04
N LEU B 20 -11.77 17.09 -16.15
CA LEU B 20 -13.23 16.97 -16.11
C LEU B 20 -13.75 16.27 -17.35
N LYS B 21 -13.14 16.54 -18.51
CA LYS B 21 -13.55 15.89 -19.75
C LYS B 21 -13.26 14.40 -19.72
N TYR B 22 -12.22 13.98 -19.00
CA TYR B 22 -11.90 12.57 -18.85
C TYR B 22 -12.83 11.84 -17.89
N SER B 23 -13.52 12.58 -17.02
CA SER B 23 -14.34 11.97 -15.97
C SER B 23 -15.73 11.55 -16.45
N ASN B 24 -16.21 12.12 -17.56
CA ASN B 24 -17.52 11.80 -18.11
C ASN B 24 -18.62 12.00 -17.07
N GLY B 25 -19.03 13.24 -16.85
CA GLY B 25 -20.07 13.52 -15.88
C GLY B 25 -19.65 13.35 -14.43
N PHE B 26 -18.35 13.46 -14.14
CA PHE B 26 -17.82 13.34 -12.78
C PHE B 26 -18.18 11.98 -12.19
N THR B 27 -17.97 10.93 -12.98
CA THR B 27 -18.27 9.57 -12.55
C THR B 27 -17.05 8.67 -12.45
N ARG B 28 -15.99 8.95 -13.21
CA ARG B 28 -14.77 8.12 -13.17
C ARG B 28 -13.85 8.66 -12.08
N LEU B 29 -13.63 7.86 -11.04
CA LEU B 29 -12.69 8.23 -10.00
C LEU B 29 -11.29 8.35 -10.59
N ILE B 30 -10.56 9.36 -10.10
CA ILE B 30 -9.20 9.78 -10.45
C ILE B 30 -9.26 10.99 -11.37
N PRO B 31 -9.88 10.94 -12.57
CA PRO B 31 -10.08 12.21 -13.28
C PRO B 31 -11.01 13.15 -12.53
N SER B 32 -12.00 12.61 -11.82
CA SER B 32 -12.87 13.45 -11.00
C SER B 32 -12.07 14.10 -9.86
N MET B 33 -11.13 13.37 -9.28
CA MET B 33 -10.34 13.92 -8.19
C MET B 33 -9.31 14.93 -8.68
N ILE B 34 -8.71 14.66 -9.84
CA ILE B 34 -7.80 15.64 -10.43
C ILE B 34 -8.54 16.94 -10.73
N THR B 35 -9.81 16.82 -11.10
CA THR B 35 -10.63 18.01 -11.36
C THR B 35 -10.77 18.86 -10.10
N LEU B 36 -11.05 18.21 -8.97
CA LEU B 36 -11.28 18.97 -7.74
C LEU B 36 -9.99 19.59 -7.22
N ILE B 37 -8.92 18.81 -7.12
CA ILE B 37 -7.69 19.32 -6.52
C ILE B 37 -7.00 20.30 -7.47
N GLY B 38 -7.04 20.05 -8.78
CA GLY B 38 -6.48 20.99 -9.72
C GLY B 38 -7.23 22.31 -9.73
N MET B 39 -8.52 22.27 -9.43
CA MET B 39 -9.29 23.50 -9.29
C MET B 39 -8.94 24.23 -8.00
N LEU B 40 -8.75 23.49 -6.91
CA LEU B 40 -8.30 24.10 -5.65
C LEU B 40 -6.93 24.74 -5.82
N ILE B 41 -6.01 24.05 -6.49
CA ILE B 41 -4.67 24.59 -6.71
C ILE B 41 -4.74 25.87 -7.51
N SER B 42 -5.50 25.87 -8.60
CA SER B 42 -5.65 27.06 -9.43
C SER B 42 -6.20 28.24 -8.62
N PHE B 43 -7.19 27.97 -7.77
CA PHE B 43 -7.77 29.03 -6.94
C PHE B 43 -6.76 29.57 -5.95
N TYR B 44 -5.94 28.70 -5.36
CA TYR B 44 -5.01 29.13 -4.31
C TYR B 44 -3.85 29.93 -4.90
N LEU B 45 -3.23 29.40 -5.96
CA LEU B 45 -2.15 30.13 -6.61
C LEU B 45 -2.64 31.49 -7.13
N LEU B 46 -3.89 31.52 -7.60
CA LEU B 46 -4.48 32.77 -8.09
C LEU B 46 -4.62 33.78 -6.95
N SER B 47 -5.06 33.33 -5.78
CA SER B 47 -5.25 34.23 -4.65
C SER B 47 -3.94 34.86 -4.20
N GLN B 48 -2.83 34.15 -4.36
CA GLN B 48 -1.54 34.71 -3.97
C GLN B 48 -0.95 35.59 -5.06
N ALA B 49 -1.15 35.20 -6.32
CA ALA B 49 -0.65 36.02 -7.43
C ALA B 49 -1.40 37.33 -7.54
N THR B 50 -2.68 37.36 -7.15
CA THR B 50 -3.45 38.58 -7.19
C THR B 50 -3.21 39.48 -5.98
N LYS B 51 -2.54 38.98 -4.94
CA LYS B 51 -2.24 39.81 -3.78
C LYS B 51 -1.27 40.94 -4.11
N THR B 52 -0.54 40.83 -5.21
CA THR B 52 0.42 41.83 -5.64
C THR B 52 0.09 42.45 -6.99
N LEU B 53 -0.39 41.66 -7.94
CA LEU B 53 -0.65 42.10 -9.29
C LEU B 53 -2.05 42.70 -9.41
N PRO B 54 -2.29 43.54 -10.42
CA PRO B 54 -3.63 44.09 -10.62
C PRO B 54 -4.66 43.00 -10.86
N ILE B 55 -5.84 43.18 -10.28
CA ILE B 55 -6.89 42.17 -10.39
C ILE B 55 -7.34 42.01 -11.84
N GLY B 56 -7.37 43.11 -12.58
CA GLY B 56 -7.83 43.05 -13.96
C GLY B 56 -6.87 42.31 -14.88
N THR B 57 -5.57 42.57 -14.73
CA THR B 57 -4.58 41.91 -15.57
C THR B 57 -4.32 40.48 -15.11
N ALA B 58 -4.47 40.21 -13.82
CA ALA B 58 -4.25 38.85 -13.32
C ALA B 58 -5.34 37.91 -13.81
N TYR B 59 -6.60 38.35 -13.75
CA TYR B 59 -7.70 37.49 -14.18
C TYR B 59 -7.74 37.35 -15.70
N ALA B 60 -7.39 38.42 -16.43
CA ALA B 60 -7.38 38.33 -17.89
C ALA B 60 -6.37 37.30 -18.37
N ILE B 61 -5.19 37.25 -17.74
CA ILE B 61 -4.21 36.24 -18.10
C ILE B 61 -4.60 34.88 -17.55
N TRP B 62 -5.23 34.84 -16.38
CA TRP B 62 -5.59 33.57 -15.76
C TRP B 62 -6.64 32.83 -16.58
N THR B 63 -7.71 33.53 -16.98
CA THR B 63 -8.74 32.90 -17.80
C THR B 63 -8.30 32.76 -19.25
N GLY B 64 -7.41 33.64 -19.72
CA GLY B 64 -6.91 33.51 -21.08
C GLY B 64 -6.10 32.25 -21.27
N ILE B 65 -5.22 31.95 -20.33
CA ILE B 65 -4.44 30.72 -20.39
C ILE B 65 -5.35 29.52 -20.22
N GLY B 66 -6.29 29.59 -19.28
CA GLY B 66 -7.19 28.46 -19.05
C GLY B 66 -8.07 28.15 -20.24
N ALA B 67 -8.62 29.19 -20.87
CA ALA B 67 -9.51 28.98 -22.01
C ALA B 67 -8.74 28.47 -23.22
N LEU B 68 -7.70 29.18 -23.64
CA LEU B 68 -6.95 28.77 -24.82
C LEU B 68 -6.35 27.39 -24.64
N GLY B 69 -5.80 27.10 -23.46
CA GLY B 69 -5.23 25.79 -23.21
C GLY B 69 -6.27 24.68 -23.29
N ALA B 70 -7.47 24.94 -22.76
CA ALA B 70 -8.55 23.96 -22.89
C ALA B 70 -8.96 23.75 -24.35
N VAL B 71 -8.88 24.81 -25.16
CA VAL B 71 -9.19 24.67 -26.58
C VAL B 71 -8.10 23.86 -27.28
N ILE B 72 -6.82 24.14 -26.96
CA ILE B 72 -5.72 23.44 -27.63
C ILE B 72 -5.67 21.99 -27.20
N CYS B 73 -5.63 21.74 -25.89
CA CYS B 73 -5.62 20.36 -25.40
C CYS B 73 -6.89 19.60 -25.77
N GLY B 74 -7.99 20.31 -26.02
CA GLY B 74 -9.19 19.65 -26.49
C GLY B 74 -9.00 19.07 -27.88
N ILE B 75 -8.54 19.88 -28.83
CA ILE B 75 -8.33 19.41 -30.19
C ILE B 75 -7.15 18.45 -30.27
N ILE B 76 -6.27 18.45 -29.27
CA ILE B 76 -5.11 17.56 -29.28
C ILE B 76 -5.50 16.21 -28.69
N PHE B 77 -5.90 16.19 -27.42
CA PHE B 77 -6.15 14.94 -26.73
C PHE B 77 -7.45 14.30 -27.21
N PHE B 78 -8.56 15.02 -27.12
CA PHE B 78 -9.86 14.49 -27.51
C PHE B 78 -10.18 14.73 -28.98
N LYS B 79 -9.19 15.12 -29.77
CA LYS B 79 -9.32 15.31 -31.22
C LYS B 79 -10.58 16.09 -31.59
N GLU B 80 -10.71 17.27 -30.99
CA GLU B 80 -11.84 18.14 -31.23
C GLU B 80 -11.66 18.90 -32.55
N PRO B 81 -12.75 19.38 -33.15
CA PRO B 81 -12.66 19.94 -34.50
C PRO B 81 -11.72 21.13 -34.60
N LEU B 82 -11.20 21.34 -35.82
CA LEU B 82 -10.26 22.40 -36.14
C LEU B 82 -10.73 23.14 -37.39
N THR B 83 -12.02 23.48 -37.42
CA THR B 83 -12.59 24.20 -38.55
C THR B 83 -12.08 25.63 -38.59
N ALA B 84 -12.01 26.18 -39.80
CA ALA B 84 -11.64 27.58 -39.96
C ALA B 84 -12.68 28.51 -39.34
N LEU B 85 -13.95 28.09 -39.31
CA LEU B 85 -14.97 28.89 -38.64
C LEU B 85 -14.89 28.74 -37.12
N ARG B 86 -14.55 27.54 -36.64
CA ARG B 86 -14.48 27.34 -35.19
C ARG B 86 -13.31 28.09 -34.58
N ILE B 87 -12.18 28.16 -35.28
CA ILE B 87 -11.03 28.88 -34.75
C ILE B 87 -11.27 30.38 -34.76
N VAL B 88 -12.03 30.88 -35.74
CA VAL B 88 -12.32 32.30 -35.80
C VAL B 88 -13.29 32.70 -34.70
N PHE B 89 -14.34 31.90 -34.48
CA PHE B 89 -15.39 32.30 -33.56
C PHE B 89 -14.94 32.20 -32.11
N MET B 90 -13.99 31.30 -31.80
CA MET B 90 -13.45 31.26 -30.46
C MET B 90 -12.37 32.32 -30.26
N ILE B 91 -11.66 32.69 -31.33
CA ILE B 91 -10.77 33.85 -31.25
C ILE B 91 -11.56 35.09 -30.88
N LEU B 92 -12.74 35.26 -31.48
CA LEU B 92 -13.61 36.38 -31.10
C LEU B 92 -14.11 36.22 -29.67
N LEU B 93 -14.41 35.00 -29.27
CA LEU B 93 -14.95 34.77 -27.93
C LEU B 93 -13.88 34.99 -26.86
N LEU B 94 -12.64 34.58 -27.12
CA LEU B 94 -11.59 34.72 -26.11
C LEU B 94 -11.15 36.17 -25.97
N THR B 95 -11.06 36.92 -27.07
CA THR B 95 -10.71 38.32 -26.99
C THR B 95 -11.77 39.11 -26.23
N GLY B 96 -13.04 38.75 -26.40
CA GLY B 96 -14.09 39.43 -25.65
C GLY B 96 -14.01 39.15 -24.16
N ILE B 97 -13.73 37.90 -23.79
CA ILE B 97 -13.56 37.56 -22.38
C ILE B 97 -12.33 38.24 -21.81
N ILE B 98 -11.20 38.15 -22.51
CA ILE B 98 -9.98 38.80 -22.07
C ILE B 98 -10.17 40.30 -21.97
N GLY B 99 -10.93 40.88 -22.91
CA GLY B 99 -11.15 42.31 -22.90
C GLY B 99 -11.98 42.77 -21.72
N LEU B 100 -13.14 42.13 -21.51
CA LEU B 100 -14.04 42.54 -20.44
C LEU B 100 -13.37 42.40 -19.07
N LYS B 101 -12.64 41.31 -18.85
CA LYS B 101 -11.98 41.10 -17.57
C LYS B 101 -10.84 42.09 -17.36
N ALA B 102 -10.23 42.58 -18.44
CA ALA B 102 -9.13 43.52 -18.33
C ALA B 102 -9.59 44.96 -18.18
N THR B 103 -10.89 45.23 -18.28
CA THR B 103 -11.40 46.59 -18.14
C THR B 103 -12.02 46.86 -16.77
N SER B 104 -12.51 45.83 -16.09
CA SER B 104 -13.12 46.00 -14.78
C SER B 104 -12.08 46.29 -13.71
N SER C 2 -19.11 -8.56 -17.38
CA SER C 2 -18.99 -7.13 -17.61
C SER C 2 -17.69 -6.59 -17.02
N SER C 3 -17.49 -5.27 -17.11
CA SER C 3 -16.26 -4.66 -16.60
C SER C 3 -16.27 -4.60 -15.09
N VAL C 4 -17.01 -3.64 -14.53
CA VAL C 4 -17.05 -3.43 -13.08
C VAL C 4 -18.49 -3.35 -12.62
N PRO C 5 -18.81 -3.72 -11.36
CA PRO C 5 -17.87 -4.34 -10.40
C PRO C 5 -17.66 -5.81 -10.70
N THR C 6 -16.81 -6.47 -9.90
CA THR C 6 -16.45 -7.86 -10.14
C THR C 6 -16.15 -8.54 -8.80
N LYS C 7 -16.51 -9.82 -8.72
CA LYS C 7 -16.31 -10.66 -7.53
C LYS C 7 -17.01 -10.07 -6.31
N LEU C 8 -18.34 -10.01 -6.41
CA LEU C 8 -19.17 -9.60 -5.28
C LEU C 8 -19.38 -10.80 -4.36
N GLU C 9 -19.03 -10.64 -3.09
CA GLU C 9 -19.10 -11.74 -2.14
C GLU C 9 -19.44 -11.20 -0.76
N VAL C 10 -19.88 -12.09 0.12
CA VAL C 10 -20.21 -11.75 1.50
C VAL C 10 -19.00 -12.10 2.35
N VAL C 11 -18.25 -11.07 2.75
CA VAL C 11 -17.05 -11.29 3.57
C VAL C 11 -17.43 -11.92 4.91
N ALA C 12 -18.28 -11.24 5.66
CA ALA C 12 -18.77 -11.73 6.94
C ALA C 12 -20.28 -11.56 7.00
N ALA C 13 -20.91 -12.31 7.92
CA ALA C 13 -22.36 -12.31 8.00
C ALA C 13 -22.80 -12.48 9.44
N THR C 14 -24.08 -12.20 9.67
CA THR C 14 -24.72 -12.21 10.98
C THR C 14 -26.21 -12.32 10.72
N PRO C 15 -26.98 -12.98 11.60
CA PRO C 15 -28.44 -13.05 11.44
C PRO C 15 -29.09 -11.76 10.93
N THR C 16 -28.57 -10.59 11.32
CA THR C 16 -29.18 -9.33 10.94
C THR C 16 -28.35 -8.48 9.99
N SER C 17 -27.10 -8.87 9.70
CA SER C 17 -26.24 -8.01 8.90
C SER C 17 -25.31 -8.83 8.02
N LEU C 18 -24.94 -8.26 6.88
CA LEU C 18 -24.01 -8.85 5.94
C LEU C 18 -22.90 -7.85 5.65
N LEU C 19 -21.68 -8.36 5.47
CA LEU C 19 -20.53 -7.58 5.03
C LEU C 19 -20.13 -8.06 3.65
N ILE C 20 -20.25 -7.18 2.66
CA ILE C 20 -20.00 -7.54 1.27
C ILE C 20 -18.77 -6.79 0.77
N SER C 21 -18.25 -7.25 -0.36
CA SER C 21 -17.10 -6.60 -1.00
C SER C 21 -17.16 -6.85 -2.49
N TRP C 22 -16.28 -6.17 -3.22
CA TRP C 22 -16.20 -6.29 -4.67
C TRP C 22 -14.83 -5.80 -5.12
N ASP C 23 -14.51 -6.06 -6.38
CA ASP C 23 -13.25 -5.60 -6.97
C ASP C 23 -13.53 -4.39 -7.84
N ALA C 24 -12.92 -3.26 -7.49
CA ALA C 24 -13.15 -2.01 -8.20
C ALA C 24 -12.54 -1.99 -9.60
N GLY C 25 -11.66 -2.93 -9.91
CA GLY C 25 -11.01 -2.96 -11.20
C GLY C 25 -9.66 -2.26 -11.18
N HIS C 26 -9.18 -1.94 -12.38
CA HIS C 26 -7.95 -1.19 -12.52
C HIS C 26 -8.21 0.27 -12.17
N TRP C 27 -7.12 1.02 -11.97
CA TRP C 27 -7.24 2.43 -11.55
C TRP C 27 -8.03 3.24 -12.58
N TRP C 28 -7.85 2.95 -13.85
CA TRP C 28 -8.63 3.62 -14.88
C TRP C 28 -10.07 3.17 -14.92
N GLU C 29 -10.42 2.12 -14.17
CA GLU C 29 -11.79 1.64 -14.08
C GLU C 29 -12.52 2.12 -12.83
N TRP C 30 -11.80 2.70 -11.87
CA TRP C 30 -12.42 3.16 -10.64
C TRP C 30 -13.43 4.26 -10.93
N VAL C 31 -14.47 4.33 -10.11
CA VAL C 31 -15.59 5.23 -10.33
C VAL C 31 -15.85 6.02 -9.06
N THR C 32 -16.68 7.05 -9.19
CA THR C 32 -16.90 7.98 -8.08
C THR C 32 -17.79 7.39 -7.00
N TYR C 33 -18.76 6.56 -7.37
CA TYR C 33 -19.70 6.04 -6.40
C TYR C 33 -20.28 4.73 -6.89
N TYR C 34 -20.69 3.89 -5.96
CA TYR C 34 -21.51 2.72 -6.24
C TYR C 34 -22.84 2.88 -5.52
N ARG C 35 -23.92 2.44 -6.15
CA ARG C 35 -25.22 2.37 -5.51
C ARG C 35 -25.56 0.90 -5.29
N ILE C 36 -25.97 0.56 -4.08
CA ILE C 36 -26.10 -0.82 -3.64
C ILE C 36 -27.55 -1.08 -3.28
N THR C 37 -28.07 -2.22 -3.74
CA THR C 37 -29.47 -2.59 -3.60
C THR C 37 -29.59 -3.96 -2.94
N TYR C 38 -30.50 -4.08 -1.98
CA TYR C 38 -30.73 -5.33 -1.29
C TYR C 38 -32.21 -5.47 -0.96
N GLY C 39 -32.69 -6.70 -0.97
CA GLY C 39 -34.10 -6.96 -0.70
C GLY C 39 -34.39 -8.44 -0.65
N GLU C 40 -35.50 -8.77 -0.01
CA GLU C 40 -35.96 -10.15 0.07
C GLU C 40 -36.28 -10.67 -1.33
N THR C 41 -35.64 -11.77 -1.71
CA THR C 41 -35.91 -12.35 -3.02
C THR C 41 -37.27 -13.04 -3.02
N GLY C 42 -38.12 -12.65 -3.97
CA GLY C 42 -39.46 -13.20 -4.07
C GLY C 42 -40.49 -12.54 -3.19
N GLY C 43 -40.09 -11.75 -2.21
CA GLY C 43 -41.04 -11.07 -1.37
C GLY C 43 -41.77 -9.96 -2.10
N ASN C 44 -42.94 -9.59 -1.56
CA ASN C 44 -43.75 -8.52 -2.12
C ASN C 44 -43.34 -7.15 -1.60
N SER C 45 -42.08 -6.98 -1.22
CA SER C 45 -41.55 -5.74 -0.67
C SER C 45 -40.57 -5.10 -1.65
N PRO C 46 -40.57 -3.78 -1.77
CA PRO C 46 -39.58 -3.11 -2.63
C PRO C 46 -38.19 -3.15 -1.99
N VAL C 47 -37.19 -2.97 -2.83
CA VAL C 47 -35.80 -3.05 -2.40
C VAL C 47 -35.37 -1.72 -1.80
N GLN C 48 -34.40 -1.78 -0.89
CA GLN C 48 -33.81 -0.59 -0.28
C GLN C 48 -32.43 -0.35 -0.87
N GLU C 49 -31.99 0.90 -0.86
CA GLU C 49 -30.86 1.32 -1.67
C GLU C 49 -30.05 2.38 -0.94
N PHE C 50 -28.74 2.38 -1.19
CA PHE C 50 -27.86 3.41 -0.65
C PHE C 50 -26.63 3.50 -1.53
N THR C 51 -25.98 4.66 -1.50
CA THR C 51 -24.79 4.94 -2.29
C THR C 51 -23.55 4.96 -1.41
N VAL C 52 -22.44 4.48 -1.96
CA VAL C 52 -21.18 4.36 -1.24
C VAL C 52 -20.09 5.01 -2.09
N PRO C 53 -19.16 5.75 -1.50
CA PRO C 53 -18.10 6.38 -2.28
C PRO C 53 -17.28 5.35 -3.06
N GLY C 54 -16.92 5.72 -4.29
CA GLY C 54 -16.27 4.81 -5.22
C GLY C 54 -14.84 4.47 -4.89
N TYR C 55 -14.26 5.08 -3.86
CA TYR C 55 -12.95 4.67 -3.38
C TYR C 55 -13.04 3.61 -2.30
N SER C 56 -14.18 2.95 -2.18
CA SER C 56 -14.38 1.84 -1.25
C SER C 56 -14.79 0.59 -2.02
N SER C 57 -14.34 -0.56 -1.55
CA SER C 57 -14.67 -1.84 -2.14
C SER C 57 -15.54 -2.70 -1.23
N THR C 58 -15.85 -2.25 -0.03
CA THR C 58 -16.70 -2.98 0.90
C THR C 58 -17.89 -2.12 1.30
N ALA C 59 -18.91 -2.79 1.86
CA ALA C 59 -20.12 -2.13 2.34
C ALA C 59 -20.87 -3.10 3.24
N THR C 60 -21.49 -2.56 4.28
CA THR C 60 -22.24 -3.36 5.24
C THR C 60 -23.73 -3.05 5.12
N ILE C 61 -24.55 -4.09 5.29
CA ILE C 61 -26.00 -3.99 5.18
C ILE C 61 -26.59 -4.52 6.48
N SER C 62 -27.27 -3.65 7.22
CA SER C 62 -27.79 -3.97 8.55
C SER C 62 -29.31 -3.93 8.55
N GLY C 63 -29.89 -4.48 9.63
CA GLY C 63 -31.32 -4.46 9.79
C GLY C 63 -32.08 -5.51 8.99
N LEU C 64 -31.47 -6.67 8.77
CA LEU C 64 -32.07 -7.73 7.98
C LEU C 64 -32.76 -8.75 8.86
N LYS C 65 -33.71 -9.47 8.26
CA LYS C 65 -34.46 -10.49 9.00
C LYS C 65 -33.66 -11.79 9.03
N PRO C 66 -33.39 -12.35 10.20
CA PRO C 66 -32.60 -13.58 10.28
C PRO C 66 -33.37 -14.77 9.75
N GLY C 67 -32.86 -15.37 8.68
CA GLY C 67 -33.46 -16.56 8.11
C GLY C 67 -34.19 -16.35 6.81
N VAL C 68 -34.00 -15.20 6.17
CA VAL C 68 -34.63 -14.88 4.89
C VAL C 68 -33.55 -14.74 3.84
N ASP C 69 -33.80 -15.33 2.67
CA ASP C 69 -32.87 -15.20 1.55
C ASP C 69 -33.02 -13.82 0.93
N TYR C 70 -31.89 -13.13 0.76
CA TYR C 70 -31.85 -11.81 0.17
C TYR C 70 -31.07 -11.85 -1.14
N THR C 71 -31.16 -10.75 -1.89
CA THR C 71 -30.36 -10.53 -3.09
C THR C 71 -29.77 -9.14 -3.05
N ILE C 72 -28.48 -9.03 -3.37
CA ILE C 72 -27.74 -7.77 -3.29
C ILE C 72 -27.10 -7.48 -4.64
N THR C 73 -27.24 -6.25 -5.11
CA THR C 73 -26.70 -5.83 -6.40
C THR C 73 -25.86 -4.57 -6.21
N VAL C 74 -24.81 -4.44 -7.02
CA VAL C 74 -23.89 -3.32 -6.95
C VAL C 74 -23.84 -2.66 -8.33
N TYR C 75 -24.31 -1.42 -8.41
CA TYR C 75 -24.36 -0.69 -9.66
C TYR C 75 -23.20 0.28 -9.77
N ALA C 76 -22.72 0.45 -10.99
CA ALA C 76 -21.75 1.50 -11.31
C ALA C 76 -22.49 2.81 -11.57
N PRO C 77 -21.77 3.94 -11.62
CA PRO C 77 -22.45 5.21 -11.95
C PRO C 77 -23.24 5.14 -13.23
N THR C 78 -22.64 4.67 -14.31
CA THR C 78 -23.33 4.44 -15.57
C THR C 78 -23.30 2.96 -15.90
N SER C 79 -24.24 2.55 -16.74
CA SER C 79 -24.20 1.20 -17.29
C SER C 79 -23.27 1.08 -18.49
N ASP C 80 -22.55 2.15 -18.83
CA ASP C 80 -21.63 2.14 -19.97
C ASP C 80 -20.38 1.32 -19.67
N TYR C 81 -20.05 1.10 -18.40
CA TYR C 81 -18.87 0.33 -18.04
C TYR C 81 -19.20 -1.16 -17.91
N GLY C 82 -20.14 -1.50 -17.04
CA GLY C 82 -20.54 -2.88 -16.88
C GLY C 82 -21.94 -3.00 -16.33
N SER C 83 -22.55 -4.16 -16.59
CA SER C 83 -23.86 -4.46 -16.04
C SER C 83 -23.74 -4.83 -14.56
N PRO C 84 -24.75 -4.50 -13.75
CA PRO C 84 -24.64 -4.71 -12.31
C PRO C 84 -24.60 -6.20 -11.97
N ILE C 85 -23.75 -6.53 -11.01
CA ILE C 85 -23.58 -7.90 -10.54
C ILE C 85 -24.41 -8.09 -9.27
N SER C 86 -25.05 -9.25 -9.16
CA SER C 86 -25.93 -9.53 -8.03
C SER C 86 -25.67 -10.94 -7.51
N ILE C 87 -25.87 -11.12 -6.21
CA ILE C 87 -25.70 -12.40 -5.54
C ILE C 87 -26.88 -12.63 -4.60
N ASN C 88 -27.11 -13.89 -4.28
CA ASN C 88 -28.16 -14.28 -3.35
C ASN C 88 -27.54 -14.88 -2.10
N TYR C 89 -27.90 -14.35 -0.93
CA TYR C 89 -27.39 -14.82 0.35
C TYR C 89 -28.53 -14.95 1.34
N ARG C 90 -28.52 -16.03 2.11
CA ARG C 90 -29.55 -16.31 3.11
C ARG C 90 -28.96 -16.13 4.50
N THR C 91 -29.60 -15.30 5.32
CA THR C 91 -29.13 -15.01 6.66
C THR C 91 -29.51 -16.11 7.64
N SER D 3 -24.62 45.41 17.61
CA SER D 3 -25.63 44.85 16.73
C SER D 3 -25.81 43.34 16.95
N VAL D 4 -24.95 42.56 16.33
CA VAL D 4 -25.07 41.10 16.30
C VAL D 4 -24.03 40.51 17.23
N PRO D 5 -24.39 39.59 18.15
CA PRO D 5 -25.78 39.23 18.48
C PRO D 5 -26.28 40.03 19.67
N THR D 6 -27.46 39.72 20.19
CA THR D 6 -28.03 40.47 21.31
C THR D 6 -29.00 39.58 22.09
N LYS D 7 -29.38 40.08 23.28
CA LYS D 7 -30.43 39.52 24.12
C LYS D 7 -30.10 38.08 24.54
N LEU D 8 -29.05 37.97 25.36
CA LEU D 8 -28.59 36.69 25.87
C LEU D 8 -29.29 36.40 27.19
N GLU D 9 -30.33 35.57 27.15
CA GLU D 9 -31.11 35.20 28.31
C GLU D 9 -30.75 33.79 28.76
N VAL D 10 -31.16 33.46 29.98
CA VAL D 10 -31.10 32.10 30.50
C VAL D 10 -32.53 31.60 30.65
N VAL D 11 -33.05 30.96 29.60
CA VAL D 11 -34.47 30.60 29.55
C VAL D 11 -34.79 29.56 30.62
N ALA D 12 -33.88 28.62 30.86
CA ALA D 12 -34.08 27.59 31.86
C ALA D 12 -32.75 27.29 32.54
N ALA D 13 -32.83 26.71 33.74
CA ALA D 13 -31.64 26.46 34.52
C ALA D 13 -31.92 25.42 35.59
N THR D 14 -31.07 24.40 35.64
CA THR D 14 -30.95 23.49 36.76
C THR D 14 -29.60 23.75 37.44
N PRO D 15 -29.41 23.29 38.69
CA PRO D 15 -28.14 23.56 39.38
C PRO D 15 -26.88 23.14 38.63
N THR D 16 -27.00 22.31 37.59
CA THR D 16 -25.83 21.84 36.85
C THR D 16 -25.86 22.19 35.38
N SER D 17 -26.86 22.92 34.89
CA SER D 17 -26.91 23.25 33.47
C SER D 17 -27.74 24.51 33.27
N LEU D 18 -27.45 25.21 32.17
CA LEU D 18 -28.16 26.42 31.78
C LEU D 18 -28.59 26.30 30.32
N LEU D 19 -29.83 26.70 30.04
CA LEU D 19 -30.35 26.76 28.68
C LEU D 19 -30.45 28.23 28.28
N ILE D 20 -29.56 28.66 27.39
CA ILE D 20 -29.44 30.06 27.02
C ILE D 20 -30.04 30.27 25.63
N SER D 21 -30.25 31.55 25.29
CA SER D 21 -30.82 31.93 24.02
C SER D 21 -30.33 33.33 23.66
N TRP D 22 -30.49 33.69 22.39
CA TRP D 22 -30.08 35.02 21.92
C TRP D 22 -30.84 35.36 20.66
N ASP D 23 -30.82 36.65 20.31
CA ASP D 23 -31.44 37.16 19.11
C ASP D 23 -30.39 37.25 18.00
N ALA D 24 -30.65 36.58 16.88
CA ALA D 24 -29.69 36.53 15.79
C ALA D 24 -29.79 37.73 14.85
N GLY D 25 -30.80 38.57 15.01
CA GLY D 25 -31.09 39.58 14.02
C GLY D 25 -32.01 39.03 12.95
N HIS D 26 -31.93 39.56 11.74
CA HIS D 26 -32.78 39.07 10.66
C HIS D 26 -32.06 39.14 9.33
N TRP D 27 -32.22 38.09 8.52
CA TRP D 27 -31.82 38.08 7.12
C TRP D 27 -30.35 38.45 6.93
N TRP D 28 -30.07 39.75 6.79
CA TRP D 28 -28.75 40.22 6.39
C TRP D 28 -27.73 40.21 7.53
N GLU D 29 -28.14 39.85 8.75
CA GLU D 29 -27.23 39.81 9.89
C GLU D 29 -26.94 38.40 10.37
N TRP D 30 -27.61 37.39 9.82
CA TRP D 30 -27.37 36.01 10.26
C TRP D 30 -25.97 35.57 9.85
N VAL D 31 -25.19 35.10 10.83
CA VAL D 31 -23.83 34.66 10.59
C VAL D 31 -23.82 33.15 10.37
N THR D 32 -22.64 32.61 10.04
CA THR D 32 -22.54 31.17 9.79
C THR D 32 -22.40 30.36 11.07
N TYR D 33 -21.86 30.96 12.14
CA TYR D 33 -21.68 30.22 13.38
C TYR D 33 -21.51 31.21 14.53
N TYR D 34 -21.87 30.74 15.73
CA TYR D 34 -21.60 31.44 16.97
C TYR D 34 -20.69 30.58 17.84
N ARG D 35 -19.87 31.23 18.66
CA ARG D 35 -19.02 30.55 19.62
C ARG D 35 -19.40 30.96 21.02
N ILE D 36 -19.69 29.98 21.88
CA ILE D 36 -20.11 30.20 23.25
C ILE D 36 -19.00 29.73 24.18
N THR D 37 -18.65 30.57 25.15
CA THR D 37 -17.66 30.24 26.17
C THR D 37 -18.27 30.43 27.54
N TYR D 38 -18.05 29.47 28.43
CA TYR D 38 -18.57 29.55 29.79
C TYR D 38 -17.48 29.18 30.79
N GLY D 39 -17.49 29.88 31.93
CA GLY D 39 -16.50 29.63 32.96
C GLY D 39 -16.86 30.39 34.22
N GLU D 40 -16.22 29.98 35.32
CA GLU D 40 -16.46 30.62 36.60
C GLU D 40 -16.10 32.10 36.52
N THR D 41 -16.94 32.94 37.13
CA THR D 41 -16.75 34.38 37.04
C THR D 41 -15.42 34.83 37.64
N GLY D 42 -14.80 34.01 38.48
CA GLY D 42 -13.57 34.38 39.13
C GLY D 42 -12.33 33.67 38.62
N GLY D 43 -11.98 32.54 39.22
CA GLY D 43 -10.69 31.91 38.95
C GLY D 43 -10.57 31.36 37.55
N ASN D 44 -11.66 30.83 36.98
CA ASN D 44 -11.72 30.33 35.61
C ASN D 44 -10.82 29.12 35.37
N SER D 45 -9.54 29.25 35.74
CA SER D 45 -8.49 28.28 35.40
C SER D 45 -8.38 28.26 33.87
N PRO D 46 -9.11 27.39 33.11
CA PRO D 46 -9.47 27.81 31.74
C PRO D 46 -10.96 27.83 31.50
N VAL D 47 -11.39 28.57 30.49
CA VAL D 47 -12.80 28.58 30.11
C VAL D 47 -13.11 27.36 29.24
N GLN D 48 -14.38 26.96 29.27
CA GLN D 48 -14.88 25.90 28.40
C GLN D 48 -15.65 26.54 27.25
N GLU D 49 -15.51 25.99 26.05
CA GLU D 49 -16.07 26.61 24.86
C GLU D 49 -16.63 25.55 23.92
N PHE D 50 -17.57 25.97 23.09
CA PHE D 50 -18.08 25.19 21.99
C PHE D 50 -18.67 26.14 20.96
N THR D 51 -19.11 25.59 19.83
CA THR D 51 -19.63 26.39 18.73
C THR D 51 -20.94 25.77 18.25
N VAL D 52 -21.82 26.64 17.73
CA VAL D 52 -23.12 26.22 17.21
C VAL D 52 -23.33 26.84 15.84
N PRO D 53 -24.05 26.17 14.95
CA PRO D 53 -24.26 26.72 13.60
C PRO D 53 -25.11 27.99 13.64
N GLY D 54 -24.94 28.81 12.60
CA GLY D 54 -25.52 30.14 12.62
C GLY D 54 -27.04 30.14 12.56
N TYR D 55 -27.63 29.08 12.02
CA TYR D 55 -29.08 29.03 11.93
C TYR D 55 -29.75 28.74 13.26
N SER D 56 -28.99 28.35 14.29
CA SER D 56 -29.55 28.12 15.61
C SER D 56 -29.41 29.36 16.47
N SER D 57 -30.29 29.49 17.46
CA SER D 57 -30.27 30.62 18.38
C SER D 57 -30.33 30.19 19.84
N THR D 58 -30.21 28.89 20.13
CA THR D 58 -30.17 28.39 21.50
C THR D 58 -28.91 27.56 21.69
N ALA D 59 -28.62 27.26 22.95
CA ALA D 59 -27.47 26.43 23.31
C ALA D 59 -27.63 25.97 24.74
N THR D 60 -27.12 24.77 25.02
CA THR D 60 -27.17 24.19 26.35
C THR D 60 -25.76 24.10 26.92
N ILE D 61 -25.59 24.58 28.15
CA ILE D 61 -24.33 24.50 28.87
C ILE D 61 -24.51 23.48 29.99
N SER D 62 -23.74 22.40 29.97
CA SER D 62 -23.89 21.31 30.92
C SER D 62 -22.58 21.06 31.66
N GLY D 63 -22.71 20.38 32.80
CA GLY D 63 -21.57 20.04 33.60
C GLY D 63 -21.13 21.09 34.59
N LEU D 64 -21.98 22.08 34.88
CA LEU D 64 -21.60 23.16 35.77
C LEU D 64 -21.61 22.69 37.23
N LYS D 65 -20.82 23.37 38.06
CA LYS D 65 -20.79 23.07 39.48
C LYS D 65 -21.83 23.93 40.20
N PRO D 66 -22.73 23.32 40.98
CA PRO D 66 -23.82 24.09 41.59
C PRO D 66 -23.32 25.08 42.63
N GLY D 67 -23.90 26.27 42.62
CA GLY D 67 -23.55 27.32 43.54
C GLY D 67 -22.39 28.20 43.09
N VAL D 68 -21.86 27.99 41.90
CA VAL D 68 -20.74 28.77 41.37
C VAL D 68 -21.30 29.79 40.38
N ASP D 69 -20.81 31.03 40.47
CA ASP D 69 -21.21 32.06 39.53
C ASP D 69 -20.39 31.92 38.25
N TYR D 70 -21.07 31.66 37.14
CA TYR D 70 -20.43 31.52 35.84
C TYR D 70 -20.72 32.72 34.96
N THR D 71 -19.77 33.05 34.10
CA THR D 71 -19.94 34.06 33.06
C THR D 71 -20.06 33.37 31.71
N ILE D 72 -21.04 33.79 30.91
CA ILE D 72 -21.34 33.17 29.63
C ILE D 72 -21.22 34.23 28.55
N THR D 73 -20.31 34.01 27.60
CA THR D 73 -20.09 34.94 26.50
C THR D 73 -20.46 34.28 25.17
N VAL D 74 -20.95 35.09 24.24
CA VAL D 74 -21.37 34.64 22.92
C VAL D 74 -20.67 35.51 21.89
N TYR D 75 -19.91 34.87 21.00
CA TYR D 75 -19.09 35.56 20.02
C TYR D 75 -19.59 35.32 18.61
N ALA D 76 -19.44 36.33 17.77
CA ALA D 76 -19.68 36.24 16.34
C ALA D 76 -18.44 35.71 15.64
N PRO D 77 -18.52 35.37 14.35
CA PRO D 77 -17.31 34.96 13.63
C PRO D 77 -16.21 36.00 13.65
N THR D 78 -16.53 37.26 13.34
CA THR D 78 -15.56 38.34 13.30
C THR D 78 -15.99 39.46 14.24
N SER D 79 -15.15 40.50 14.30
CA SER D 79 -15.45 41.66 15.11
C SER D 79 -16.35 42.66 14.39
N ASP D 80 -16.53 42.50 13.08
CA ASP D 80 -17.25 43.47 12.27
C ASP D 80 -18.75 43.23 12.35
N TYR D 81 -19.25 42.84 13.51
CA TYR D 81 -20.65 42.50 13.65
C TYR D 81 -21.38 43.27 14.75
N GLY D 82 -20.78 43.45 15.91
CA GLY D 82 -21.44 44.24 16.93
C GLY D 82 -21.08 43.96 18.37
N SER D 83 -19.81 43.62 18.63
CA SER D 83 -19.24 43.42 19.96
C SER D 83 -19.82 42.19 20.64
N PRO D 84 -19.02 41.48 21.43
CA PRO D 84 -19.51 40.26 22.08
C PRO D 84 -20.60 40.55 23.10
N ILE D 85 -21.30 39.49 23.47
CA ILE D 85 -22.32 39.53 24.50
C ILE D 85 -21.84 38.69 25.68
N SER D 86 -22.13 39.15 26.89
CA SER D 86 -21.67 38.44 28.09
C SER D 86 -22.65 38.68 29.23
N ILE D 87 -22.98 37.62 29.96
CA ILE D 87 -23.86 37.70 31.12
C ILE D 87 -23.24 36.90 32.27
N ASN D 88 -23.70 37.22 33.48
CA ASN D 88 -23.31 36.48 34.67
C ASN D 88 -24.52 35.75 35.24
N TYR D 89 -24.27 34.59 35.85
CA TYR D 89 -25.34 33.75 36.37
C TYR D 89 -24.80 32.74 37.39
N ARG D 90 -25.38 32.69 38.58
CA ARG D 90 -25.03 31.67 39.56
C ARG D 90 -26.03 30.52 39.48
N THR D 91 -25.51 29.31 39.34
CA THR D 91 -26.35 28.14 39.16
C THR D 91 -27.17 27.83 40.41
N MET E 1 7.26 -43.94 5.81
CA MET E 1 8.06 -43.17 4.87
C MET E 1 8.33 -41.77 5.42
N ALA E 2 7.27 -41.10 5.87
CA ALA E 2 7.46 -39.80 6.52
C ALA E 2 8.31 -39.94 7.78
N TRP E 3 8.23 -41.09 8.45
CA TRP E 3 9.10 -41.34 9.59
C TRP E 3 10.54 -41.59 9.12
N LEU E 4 10.70 -42.31 8.02
CA LEU E 4 12.04 -42.49 7.44
C LEU E 4 12.65 -41.14 7.07
N ILE E 5 11.84 -40.24 6.50
CA ILE E 5 12.33 -38.90 6.17
C ILE E 5 12.73 -38.15 7.43
N LEU E 6 11.96 -38.31 8.51
CA LEU E 6 12.26 -37.63 9.76
C LEU E 6 13.63 -38.02 10.29
N ILE E 7 13.94 -39.32 10.25
CA ILE E 7 15.23 -39.80 10.74
C ILE E 7 16.37 -39.22 9.91
N ILE E 8 16.22 -39.25 8.59
CA ILE E 8 17.24 -38.69 7.70
C ILE E 8 17.42 -37.20 7.97
N ALA E 9 16.32 -36.48 8.22
CA ALA E 9 16.41 -35.06 8.52
C ALA E 9 17.21 -34.82 9.81
N GLY E 10 16.95 -35.62 10.84
CA GLY E 10 17.75 -35.53 12.04
C GLY E 10 19.20 -35.92 11.82
N ILE E 11 19.45 -36.83 10.90
CA ILE E 11 20.83 -37.21 10.57
C ILE E 11 21.56 -36.03 9.95
N PHE E 12 20.88 -35.29 9.08
CA PHE E 12 21.48 -34.08 8.52
C PHE E 12 21.47 -32.93 9.52
N GLU E 13 20.66 -33.03 10.58
CA GLU E 13 20.68 -32.00 11.62
C GLU E 13 21.98 -32.06 12.43
N VAL E 14 22.49 -33.26 12.68
CA VAL E 14 23.71 -33.37 13.46
C VAL E 14 24.95 -33.10 12.60
N VAL E 15 24.90 -33.40 11.30
CA VAL E 15 26.10 -33.26 10.48
C VAL E 15 26.35 -31.81 10.11
N TRP E 16 25.31 -30.99 9.95
CA TRP E 16 25.59 -29.56 9.74
C TRP E 16 25.99 -28.90 11.05
N ALA E 17 25.56 -29.46 12.19
CA ALA E 17 25.97 -28.93 13.48
C ALA E 17 27.46 -29.15 13.70
N ILE E 18 27.93 -30.39 13.49
CA ILE E 18 29.35 -30.69 13.65
C ILE E 18 30.19 -30.04 12.56
N ALA E 19 29.58 -29.66 11.44
CA ALA E 19 30.34 -28.97 10.39
C ALA E 19 30.41 -27.48 10.64
N LEU E 20 29.40 -26.90 11.29
CA LEU E 20 29.45 -25.47 11.62
C LEU E 20 30.58 -25.18 12.60
N LYS E 21 30.86 -26.12 13.50
CA LYS E 21 32.00 -25.99 14.39
C LYS E 21 33.29 -25.83 13.61
N TYR E 22 33.55 -26.74 12.68
CA TYR E 22 34.83 -26.77 11.97
C TYR E 22 34.88 -25.83 10.78
N SER E 23 33.81 -25.09 10.52
CA SER E 23 33.91 -23.83 9.81
C SER E 23 34.21 -22.73 10.81
N ASN E 24 35.08 -21.80 10.42
CA ASN E 24 35.40 -20.69 11.30
C ASN E 24 34.26 -19.69 11.31
N GLY E 25 34.54 -18.41 11.07
CA GLY E 25 33.48 -17.43 10.98
C GLY E 25 32.65 -17.58 9.73
N PHE E 26 32.20 -18.81 9.47
CA PHE E 26 31.57 -19.17 8.20
C PHE E 26 32.49 -18.82 7.04
N THR E 27 33.76 -19.20 7.18
CA THR E 27 34.80 -18.77 6.24
C THR E 27 35.55 -19.91 5.56
N ARG E 28 35.59 -21.10 6.14
CA ARG E 28 36.26 -22.22 5.49
C ARG E 28 35.31 -22.83 4.46
N LEU E 29 35.77 -22.92 3.22
CA LEU E 29 34.88 -23.23 2.10
C LEU E 29 34.18 -24.57 2.28
N ILE E 30 34.95 -25.64 2.39
CA ILE E 30 34.36 -26.99 2.42
C ILE E 30 33.41 -27.18 3.60
N PRO E 31 33.78 -26.81 4.84
CA PRO E 31 32.80 -26.91 5.93
C PRO E 31 31.58 -26.01 5.73
N SER E 32 31.79 -24.75 5.31
CA SER E 32 30.67 -23.84 5.13
C SER E 32 29.68 -24.36 4.10
N MET E 33 30.18 -24.99 3.03
CA MET E 33 29.28 -25.58 2.05
C MET E 33 28.49 -26.74 2.65
N ILE E 34 29.16 -27.57 3.47
CA ILE E 34 28.49 -28.72 4.06
C ILE E 34 27.40 -28.27 5.03
N THR E 35 27.63 -27.18 5.76
CA THR E 35 26.64 -26.68 6.69
C THR E 35 25.38 -26.24 5.97
N LEU E 36 25.53 -25.46 4.90
CA LEU E 36 24.36 -24.95 4.17
C LEU E 36 23.60 -26.08 3.50
N ILE E 37 24.31 -27.03 2.91
CA ILE E 37 23.65 -28.19 2.30
C ILE E 37 22.90 -28.98 3.35
N GLY E 38 23.55 -29.24 4.49
CA GLY E 38 22.89 -29.96 5.56
C GLY E 38 21.73 -29.20 6.15
N MET E 39 21.86 -27.87 6.25
CA MET E 39 20.75 -27.05 6.73
C MET E 39 19.57 -27.10 5.76
N LEU E 40 19.85 -26.96 4.46
CA LEU E 40 18.78 -26.95 3.47
C LEU E 40 18.06 -28.29 3.39
N ILE E 41 18.81 -29.39 3.42
CA ILE E 41 18.20 -30.70 3.30
C ILE E 41 17.38 -31.04 4.55
N SER E 42 17.92 -30.72 5.73
CA SER E 42 17.18 -30.99 6.96
C SER E 42 15.87 -30.22 7.01
N PHE E 43 15.91 -28.94 6.63
CA PHE E 43 14.69 -28.14 6.65
C PHE E 43 13.70 -28.61 5.58
N TYR E 44 14.21 -29.03 4.42
CA TYR E 44 13.32 -29.49 3.36
C TYR E 44 12.64 -30.80 3.74
N LEU E 45 13.42 -31.77 4.23
CA LEU E 45 12.85 -33.06 4.60
C LEU E 45 11.86 -32.91 5.77
N LEU E 46 12.18 -32.05 6.73
CA LEU E 46 11.25 -31.80 7.83
C LEU E 46 9.96 -31.19 7.32
N SER E 47 10.06 -30.20 6.41
CA SER E 47 8.86 -29.56 5.88
C SER E 47 7.95 -30.57 5.17
N GLN E 48 8.54 -31.59 4.55
CA GLN E 48 7.73 -32.62 3.91
C GLN E 48 7.08 -33.53 4.96
N ALA E 49 7.85 -33.93 5.98
CA ALA E 49 7.31 -34.82 7.00
C ALA E 49 6.22 -34.16 7.83
N THR E 50 6.25 -32.83 7.94
CA THR E 50 5.21 -32.12 8.69
C THR E 50 3.84 -32.25 8.05
N LYS E 51 3.78 -32.61 6.76
CA LYS E 51 2.49 -32.64 6.07
C LYS E 51 1.58 -33.73 6.62
N THR E 52 2.11 -34.92 6.88
CA THR E 52 1.29 -36.07 7.22
C THR E 52 1.39 -36.47 8.68
N LEU E 53 2.23 -35.82 9.47
CA LEU E 53 2.42 -36.18 10.86
C LEU E 53 2.13 -35.00 11.77
N PRO E 54 1.72 -35.26 13.02
CA PRO E 54 1.52 -34.15 13.97
C PRO E 54 2.81 -33.39 14.20
N ILE E 55 2.70 -32.06 14.23
CA ILE E 55 3.89 -31.23 14.37
C ILE E 55 4.56 -31.44 15.71
N GLY E 56 3.79 -31.76 16.75
CA GLY E 56 4.39 -32.05 18.05
C GLY E 56 5.25 -33.30 18.01
N THR E 57 4.79 -34.34 17.32
CA THR E 57 5.58 -35.55 17.16
C THR E 57 6.75 -35.32 16.20
N ALA E 58 6.51 -34.56 15.12
CA ALA E 58 7.57 -34.35 14.13
C ALA E 58 8.73 -33.55 14.70
N TYR E 59 8.44 -32.48 15.45
CA TYR E 59 9.51 -31.67 16.01
C TYR E 59 10.29 -32.43 17.07
N ALA E 60 9.58 -33.17 17.94
CA ALA E 60 10.25 -33.85 19.05
C ALA E 60 11.20 -34.94 18.55
N ILE E 61 10.77 -35.73 17.57
CA ILE E 61 11.61 -36.80 17.04
C ILE E 61 12.74 -36.22 16.20
N TRP E 62 12.48 -35.13 15.48
CA TRP E 62 13.51 -34.47 14.70
C TRP E 62 14.62 -33.93 15.59
N THR E 63 14.25 -33.23 16.67
CA THR E 63 15.24 -32.77 17.63
C THR E 63 15.89 -33.95 18.35
N GLY E 64 15.10 -34.98 18.67
CA GLY E 64 15.64 -36.11 19.41
C GLY E 64 16.71 -36.86 18.64
N ILE E 65 16.48 -37.09 17.35
CA ILE E 65 17.48 -37.78 16.54
C ILE E 65 18.72 -36.92 16.37
N GLY E 66 18.55 -35.61 16.25
CA GLY E 66 19.69 -34.71 16.21
C GLY E 66 20.48 -34.74 17.50
N ALA E 67 19.78 -34.88 18.63
CA ALA E 67 20.47 -34.91 19.93
C ALA E 67 21.16 -36.25 20.15
N LEU E 68 20.46 -37.35 19.86
CA LEU E 68 21.06 -38.67 19.99
C LEU E 68 22.29 -38.81 19.10
N GLY E 69 22.17 -38.39 17.84
CA GLY E 69 23.30 -38.45 16.94
C GLY E 69 24.42 -37.50 17.33
N ALA E 70 24.09 -36.43 18.06
CA ALA E 70 25.12 -35.48 18.49
C ALA E 70 26.07 -36.12 19.50
N VAL E 71 25.51 -36.77 20.52
CA VAL E 71 26.35 -37.43 21.50
C VAL E 71 26.93 -38.73 20.95
N ILE E 72 26.16 -39.44 20.11
CA ILE E 72 26.65 -40.69 19.54
C ILE E 72 27.80 -40.45 18.57
N CYS E 73 27.92 -39.22 18.05
CA CYS E 73 29.08 -38.85 17.25
C CYS E 73 30.12 -38.06 18.06
N GLY E 74 29.82 -37.73 19.30
CA GLY E 74 30.74 -36.98 20.16
C GLY E 74 31.55 -37.89 21.05
N ILE E 75 30.93 -38.99 21.49
CA ILE E 75 31.63 -40.02 22.26
C ILE E 75 32.33 -41.03 21.35
N ILE E 76 32.39 -40.77 20.04
CA ILE E 76 33.07 -41.68 19.11
C ILE E 76 34.23 -41.00 18.38
N PHE E 77 34.22 -39.67 18.25
CA PHE E 77 35.30 -38.90 17.63
C PHE E 77 35.90 -37.85 18.55
N PHE E 78 35.10 -37.18 19.37
CA PHE E 78 35.58 -36.10 20.23
C PHE E 78 35.72 -36.55 21.68
N LYS E 79 36.34 -37.70 21.91
CA LYS E 79 36.50 -38.27 23.25
C LYS E 79 35.19 -38.27 24.01
N GLU E 80 34.92 -37.21 24.77
CA GLU E 80 33.70 -37.00 25.53
C GLU E 80 33.42 -38.18 26.45
N PRO E 81 33.86 -38.12 27.71
CA PRO E 81 33.70 -39.25 28.62
C PRO E 81 32.23 -39.66 28.76
N LEU E 82 32.01 -40.98 28.72
CA LEU E 82 30.68 -41.53 28.85
C LEU E 82 30.22 -41.50 30.31
N THR E 83 28.91 -41.38 30.50
CA THR E 83 28.32 -41.31 31.82
C THR E 83 27.18 -42.31 31.91
N ALA E 84 26.95 -42.83 33.12
CA ALA E 84 25.77 -43.66 33.35
C ALA E 84 24.49 -42.84 33.23
N LEU E 85 24.57 -41.54 33.53
CA LEU E 85 23.40 -40.67 33.35
C LEU E 85 23.03 -40.54 31.88
N ARG E 86 24.01 -40.23 31.04
CA ARG E 86 23.73 -40.01 29.62
C ARG E 86 23.25 -41.28 28.93
N ILE E 87 23.76 -42.45 29.36
CA ILE E 87 23.26 -43.72 28.82
C ILE E 87 21.77 -43.86 29.13
N VAL E 88 21.37 -43.54 30.35
CA VAL E 88 19.95 -43.56 30.70
C VAL E 88 19.17 -42.58 29.86
N PHE E 89 19.75 -41.40 29.60
CA PHE E 89 19.07 -40.40 28.79
C PHE E 89 18.93 -40.86 27.34
N MET E 90 19.94 -41.56 26.82
CA MET E 90 19.83 -42.09 25.46
C MET E 90 18.82 -43.22 25.38
N ILE E 91 18.61 -43.96 26.47
CA ILE E 91 17.62 -45.02 26.48
C ILE E 91 16.22 -44.46 26.59
N LEU E 92 16.04 -43.41 27.40
CA LEU E 92 14.74 -42.72 27.45
C LEU E 92 14.40 -42.12 26.09
N LEU E 93 15.41 -41.59 25.39
CA LEU E 93 15.18 -40.99 24.08
C LEU E 93 14.68 -42.04 23.09
N LEU E 94 15.44 -43.13 22.92
CA LEU E 94 15.03 -44.17 21.98
C LEU E 94 13.71 -44.82 22.40
N THR E 95 13.46 -44.92 23.70
CA THR E 95 12.18 -45.44 24.16
C THR E 95 11.03 -44.54 23.71
N GLY E 96 11.21 -43.22 23.82
CA GLY E 96 10.16 -42.30 23.42
C GLY E 96 9.93 -42.31 21.91
N ILE E 97 11.01 -42.32 21.13
CA ILE E 97 10.88 -42.34 19.67
C ILE E 97 10.15 -43.60 19.22
N ILE E 98 10.61 -44.76 19.68
CA ILE E 98 9.99 -46.03 19.28
C ILE E 98 8.55 -46.10 19.73
N GLY E 99 8.27 -45.65 20.96
CA GLY E 99 6.91 -45.71 21.47
C GLY E 99 5.95 -44.85 20.69
N LEU E 100 6.38 -43.65 20.28
CA LEU E 100 5.52 -42.77 19.51
C LEU E 100 5.21 -43.36 18.13
N LYS E 101 6.22 -43.92 17.46
CA LYS E 101 5.98 -44.57 16.17
C LYS E 101 5.12 -45.82 16.33
N ALA E 102 5.09 -46.43 17.51
CA ALA E 102 4.28 -47.59 17.77
C ALA E 102 2.82 -47.27 18.04
N THR E 103 2.48 -45.99 18.24
CA THR E 103 1.10 -45.56 18.38
C THR E 103 0.64 -44.73 17.17
N SER E 104 1.14 -45.07 15.99
CA SER E 104 0.82 -44.36 14.76
C SER E 104 -0.64 -44.54 14.35
N MET F 1 18.47 -11.15 32.82
CA MET F 1 17.87 -10.76 31.55
C MET F 1 18.12 -11.82 30.47
N ALA F 2 19.33 -12.36 30.47
CA ALA F 2 19.67 -13.41 29.49
C ALA F 2 18.77 -14.63 29.64
N TRP F 3 18.24 -14.86 30.85
CA TRP F 3 17.25 -15.91 31.02
C TRP F 3 15.95 -15.56 30.33
N LEU F 4 15.51 -14.29 30.42
CA LEU F 4 14.30 -13.87 29.74
C LEU F 4 14.44 -14.00 28.23
N ILE F 5 15.59 -13.58 27.69
CA ILE F 5 15.84 -13.73 26.26
C ILE F 5 15.76 -15.21 25.86
N LEU F 6 16.30 -16.10 26.71
CA LEU F 6 16.25 -17.52 26.42
C LEU F 6 14.81 -18.02 26.36
N ILE F 7 13.96 -17.52 27.25
CA ILE F 7 12.56 -17.95 27.27
C ILE F 7 11.87 -17.55 25.97
N ILE F 8 12.04 -16.29 25.56
CA ILE F 8 11.43 -15.83 24.31
C ILE F 8 12.04 -16.56 23.12
N ALA F 9 13.32 -16.90 23.18
CA ALA F 9 13.93 -17.66 22.09
C ALA F 9 13.26 -19.01 21.92
N GLY F 10 12.98 -19.70 23.03
CA GLY F 10 12.23 -20.94 22.96
C GLY F 10 10.80 -20.74 22.50
N ILE F 11 10.22 -19.56 22.79
CA ILE F 11 8.86 -19.27 22.36
C ILE F 11 8.80 -19.13 20.84
N PHE F 12 9.76 -18.42 20.25
CA PHE F 12 9.83 -18.32 18.80
C PHE F 12 10.29 -19.61 18.14
N GLU F 13 10.85 -20.55 18.91
CA GLU F 13 11.03 -21.90 18.40
C GLU F 13 9.69 -22.59 18.21
N VAL F 14 8.76 -22.37 19.14
CA VAL F 14 7.39 -22.84 18.98
C VAL F 14 6.73 -22.13 17.81
N VAL F 15 7.15 -20.90 17.51
CA VAL F 15 6.47 -20.10 16.50
C VAL F 15 6.68 -20.68 15.11
N TRP F 16 7.95 -20.89 14.71
CA TRP F 16 8.20 -21.40 13.37
C TRP F 16 7.75 -22.85 13.21
N ALA F 17 7.62 -23.59 14.30
CA ALA F 17 7.12 -24.96 14.21
C ALA F 17 5.65 -24.97 13.82
N ILE F 18 4.83 -24.17 14.51
CA ILE F 18 3.41 -24.10 14.18
C ILE F 18 3.21 -23.48 12.81
N ALA F 19 3.97 -22.43 12.49
CA ALA F 19 3.87 -21.81 11.18
C ALA F 19 4.29 -22.77 10.07
N LEU F 20 5.22 -23.67 10.37
CA LEU F 20 5.60 -24.68 9.37
C LEU F 20 4.48 -25.67 9.15
N LYS F 21 3.72 -25.99 10.19
CA LYS F 21 2.57 -26.89 10.04
C LYS F 21 1.46 -26.23 9.25
N TYR F 22 1.32 -24.90 9.36
CA TYR F 22 0.38 -24.16 8.52
C TYR F 22 0.88 -24.00 7.09
N SER F 23 2.14 -24.34 6.81
CA SER F 23 2.71 -24.09 5.49
C SER F 23 2.28 -25.12 4.46
N ASN F 24 1.94 -26.33 4.90
CA ASN F 24 1.63 -27.45 4.00
C ASN F 24 2.79 -27.69 3.02
N GLY F 25 3.90 -28.12 3.58
CA GLY F 25 5.09 -28.36 2.79
C GLY F 25 5.76 -27.09 2.28
N PHE F 26 5.69 -26.01 3.05
CA PHE F 26 6.34 -24.74 2.71
C PHE F 26 5.81 -24.18 1.41
N THR F 27 4.50 -24.35 1.17
CA THR F 27 3.87 -23.92 -0.07
C THR F 27 2.94 -22.72 0.09
N ARG F 28 2.38 -22.50 1.26
CA ARG F 28 1.50 -21.36 1.50
C ARG F 28 2.35 -20.18 1.96
N LEU F 29 2.40 -19.13 1.15
CA LEU F 29 3.12 -17.92 1.54
C LEU F 29 2.43 -17.27 2.73
N ILE F 30 3.25 -16.76 3.65
CA ILE F 30 2.94 -16.09 4.92
C ILE F 30 3.18 -17.07 6.07
N PRO F 31 2.61 -18.29 6.08
CA PRO F 31 3.13 -19.28 7.05
C PRO F 31 4.55 -19.68 6.77
N SER F 32 4.94 -19.74 5.49
CA SER F 32 6.33 -20.08 5.16
C SER F 32 7.28 -18.97 5.60
N MET F 33 6.85 -17.71 5.48
CA MET F 33 7.73 -16.60 5.82
C MET F 33 7.94 -16.48 7.32
N ILE F 34 6.86 -16.58 8.09
CA ILE F 34 6.98 -16.55 9.55
C ILE F 34 7.83 -17.72 10.04
N THR F 35 7.79 -18.84 9.32
CA THR F 35 8.66 -19.96 9.66
C THR F 35 10.12 -19.58 9.51
N LEU F 36 10.46 -18.87 8.42
CA LEU F 36 11.85 -18.50 8.18
C LEU F 36 12.32 -17.42 9.15
N ILE F 37 11.49 -16.39 9.36
CA ILE F 37 11.92 -15.28 10.20
C ILE F 37 11.87 -15.67 11.68
N GLY F 38 10.89 -16.47 12.08
CA GLY F 38 10.86 -16.95 13.46
C GLY F 38 12.04 -17.84 13.77
N MET F 39 12.56 -18.55 12.77
CA MET F 39 13.75 -19.37 12.95
C MET F 39 15.00 -18.49 13.08
N LEU F 40 15.06 -17.39 12.32
CA LEU F 40 16.19 -16.47 12.43
C LEU F 40 16.21 -15.80 13.79
N ILE F 41 15.03 -15.38 14.28
CA ILE F 41 14.96 -14.70 15.57
C ILE F 41 15.38 -15.63 16.70
N SER F 42 14.85 -16.86 16.69
CA SER F 42 15.20 -17.82 17.73
C SER F 42 16.70 -18.10 17.74
N PHE F 43 17.31 -18.20 16.55
CA PHE F 43 18.76 -18.41 16.50
C PHE F 43 19.52 -17.21 17.03
N TYR F 44 19.09 -16.00 16.68
CA TYR F 44 19.80 -14.81 17.11
C TYR F 44 19.66 -14.59 18.62
N LEU F 45 18.44 -14.69 19.13
CA LEU F 45 18.23 -14.46 20.56
C LEU F 45 18.95 -15.52 21.40
N LEU F 46 18.99 -16.76 20.91
CA LEU F 46 19.77 -17.79 21.59
C LEU F 46 21.25 -17.43 21.62
N SER F 47 21.77 -16.89 20.52
CA SER F 47 23.18 -16.50 20.47
C SER F 47 23.49 -15.38 21.46
N GLN F 48 22.53 -14.48 21.69
CA GLN F 48 22.73 -13.43 22.67
C GLN F 48 22.56 -13.94 24.10
N ALA F 49 21.63 -14.87 24.31
CA ALA F 49 21.43 -15.41 25.65
C ALA F 49 22.52 -16.40 26.03
N THR F 50 23.09 -17.11 25.06
CA THR F 50 24.16 -18.06 25.35
C THR F 50 25.49 -17.37 25.62
N LYS F 51 25.62 -16.10 25.24
CA LYS F 51 26.82 -15.32 25.52
C LYS F 51 27.00 -15.04 27.01
N THR F 52 25.97 -15.27 27.82
CA THR F 52 26.01 -15.08 29.25
C THR F 52 25.72 -16.34 30.06
N LEU F 53 24.91 -17.26 29.52
CA LEU F 53 24.45 -18.46 30.21
C LEU F 53 25.28 -19.66 29.84
N PRO F 54 25.26 -20.71 30.65
CA PRO F 54 25.92 -21.97 30.25
C PRO F 54 25.23 -22.59 29.05
N ILE F 55 26.05 -23.07 28.11
CA ILE F 55 25.51 -23.58 26.85
C ILE F 55 24.63 -24.80 27.09
N GLY F 56 24.98 -25.61 28.09
CA GLY F 56 24.20 -26.82 28.35
C GLY F 56 22.80 -26.50 28.86
N THR F 57 22.70 -25.64 29.87
CA THR F 57 21.40 -25.29 30.42
C THR F 57 20.61 -24.40 29.48
N ALA F 58 21.30 -23.54 28.73
CA ALA F 58 20.60 -22.66 27.78
C ALA F 58 19.93 -23.48 26.68
N TYR F 59 20.66 -24.42 26.10
CA TYR F 59 20.08 -25.28 25.06
C TYR F 59 18.96 -26.15 25.61
N ALA F 60 19.16 -26.70 26.81
CA ALA F 60 18.15 -27.58 27.39
C ALA F 60 16.84 -26.84 27.61
N ILE F 61 16.90 -25.59 28.07
CA ILE F 61 15.69 -24.80 28.21
C ILE F 61 15.17 -24.35 26.85
N TRP F 62 16.09 -24.06 25.92
CA TRP F 62 15.68 -23.57 24.61
C TRP F 62 14.90 -24.63 23.84
N THR F 63 15.46 -25.84 23.71
CA THR F 63 14.75 -26.91 23.03
C THR F 63 13.62 -27.47 23.89
N GLY F 64 13.74 -27.36 25.21
CA GLY F 64 12.68 -27.83 26.08
C GLY F 64 11.40 -27.04 25.91
N ILE F 65 11.50 -25.71 25.94
CA ILE F 65 10.34 -24.86 25.70
C ILE F 65 9.80 -25.09 24.29
N GLY F 66 10.69 -25.16 23.30
CA GLY F 66 10.24 -25.32 21.92
C GLY F 66 9.56 -26.65 21.68
N ALA F 67 10.13 -27.74 22.21
CA ALA F 67 9.56 -29.06 21.98
C ALA F 67 8.23 -29.22 22.70
N LEU F 68 8.18 -28.86 23.98
CA LEU F 68 6.92 -28.96 24.71
C LEU F 68 5.84 -28.09 24.10
N GLY F 69 6.20 -26.84 23.76
CA GLY F 69 5.23 -25.94 23.16
C GLY F 69 4.69 -26.43 21.83
N ALA F 70 5.54 -27.06 21.01
CA ALA F 70 5.07 -27.66 19.78
C ALA F 70 4.09 -28.80 20.06
N VAL F 71 4.29 -29.53 21.15
CA VAL F 71 3.37 -30.61 21.50
C VAL F 71 2.05 -30.04 22.00
N ILE F 72 2.11 -28.99 22.82
CA ILE F 72 0.90 -28.39 23.36
C ILE F 72 0.08 -27.72 22.25
N CYS F 73 0.72 -26.81 21.51
CA CYS F 73 0.01 -26.07 20.47
C CYS F 73 -0.45 -26.99 19.35
N GLY F 74 0.30 -28.06 19.07
CA GLY F 74 -0.15 -29.02 18.08
C GLY F 74 -1.42 -29.72 18.48
N ILE F 75 -1.52 -30.13 19.75
CA ILE F 75 -2.73 -30.77 20.25
C ILE F 75 -3.90 -29.79 20.23
N ILE F 76 -3.63 -28.51 20.44
CA ILE F 76 -4.69 -27.50 20.51
C ILE F 76 -5.15 -27.12 19.12
N PHE F 77 -4.30 -26.39 18.38
CA PHE F 77 -4.72 -25.80 17.12
C PHE F 77 -5.06 -26.88 16.09
N PHE F 78 -4.14 -27.80 15.83
CA PHE F 78 -4.32 -28.84 14.84
C PHE F 78 -5.06 -30.04 15.38
N LYS F 79 -5.55 -29.97 16.63
CA LYS F 79 -6.32 -31.04 17.27
C LYS F 79 -5.65 -32.41 17.08
N GLU F 80 -4.36 -32.45 17.38
CA GLU F 80 -3.57 -33.66 17.33
C GLU F 80 -3.93 -34.58 18.49
N PRO F 81 -3.66 -35.88 18.37
CA PRO F 81 -4.12 -36.84 19.39
C PRO F 81 -3.63 -36.50 20.79
N LEU F 82 -4.39 -36.98 21.78
CA LEU F 82 -4.11 -36.74 23.19
C LEU F 82 -4.38 -38.04 23.97
N THR F 83 -3.68 -39.11 23.57
CA THR F 83 -3.80 -40.39 24.24
C THR F 83 -2.93 -40.39 25.50
N ALA F 84 -3.21 -41.35 26.39
CA ALA F 84 -2.33 -41.53 27.55
C ALA F 84 -0.99 -42.08 27.13
N LEU F 85 -0.96 -42.95 26.11
CA LEU F 85 0.29 -43.57 25.68
C LEU F 85 1.22 -42.55 25.03
N ARG F 86 0.68 -41.72 24.14
CA ARG F 86 1.56 -40.84 23.38
C ARG F 86 2.09 -39.69 24.23
N ILE F 87 1.35 -39.26 25.26
CA ILE F 87 1.88 -38.22 26.13
C ILE F 87 2.93 -38.80 27.07
N VAL F 88 2.81 -40.08 27.40
CA VAL F 88 3.84 -40.74 28.21
C VAL F 88 5.13 -40.87 27.40
N PHE F 89 5.02 -41.36 26.16
CA PHE F 89 6.20 -41.48 25.31
C PHE F 89 6.73 -40.12 24.90
N MET F 90 5.88 -39.09 24.90
CA MET F 90 6.37 -37.73 24.64
C MET F 90 7.16 -37.22 25.84
N ILE F 91 6.73 -37.56 27.05
CA ILE F 91 7.44 -37.11 28.25
C ILE F 91 8.83 -37.75 28.31
N LEU F 92 8.91 -39.06 28.06
CA LEU F 92 10.19 -39.74 28.11
C LEU F 92 11.14 -39.20 27.05
N LEU F 93 10.61 -38.85 25.87
CA LEU F 93 11.44 -38.32 24.81
C LEU F 93 11.97 -36.94 25.14
N LEU F 94 11.12 -36.07 25.71
CA LEU F 94 11.55 -34.71 26.03
C LEU F 94 12.48 -34.69 27.24
N THR F 95 12.34 -35.65 28.16
CA THR F 95 13.28 -35.72 29.27
C THR F 95 14.64 -36.24 28.83
N GLY F 96 14.67 -37.13 27.84
CA GLY F 96 15.94 -37.61 27.33
C GLY F 96 16.67 -36.54 26.53
N ILE F 97 15.92 -35.74 25.76
CA ILE F 97 16.53 -34.62 25.04
C ILE F 97 17.05 -33.58 26.02
N ILE F 98 16.20 -33.18 26.96
CA ILE F 98 16.59 -32.17 27.94
C ILE F 98 17.78 -32.65 28.76
N GLY F 99 17.79 -33.93 29.12
CA GLY F 99 18.89 -34.46 29.90
C GLY F 99 20.20 -34.48 29.13
N LEU F 100 20.17 -35.01 27.90
CA LEU F 100 21.39 -35.13 27.11
C LEU F 100 21.98 -33.75 26.81
N LYS F 101 21.15 -32.80 26.39
CA LYS F 101 21.65 -31.47 26.06
C LYS F 101 22.13 -30.72 27.30
N ALA F 102 21.73 -31.16 28.49
CA ALA F 102 22.19 -30.55 29.73
C ALA F 102 23.45 -31.21 30.30
N THR F 103 23.89 -32.32 29.71
CA THR F 103 25.11 -32.99 30.16
C THR F 103 26.36 -32.44 29.49
N SER F 104 26.22 -31.68 28.41
CA SER F 104 27.35 -31.06 27.71
C SER F 104 28.38 -32.10 27.26
N SER G 2 -11.54 -20.40 -9.73
CA SER G 2 -11.26 -21.61 -8.96
C SER G 2 -10.06 -21.43 -8.05
N SER G 3 -10.25 -20.69 -6.95
CA SER G 3 -9.24 -20.45 -5.91
C SER G 3 -8.07 -19.71 -6.56
N VAL G 4 -6.83 -20.07 -6.23
CA VAL G 4 -5.65 -19.33 -6.67
C VAL G 4 -4.92 -20.13 -7.74
N PRO G 5 -4.50 -19.50 -8.86
CA PRO G 5 -4.78 -18.09 -9.13
C PRO G 5 -5.91 -17.91 -10.13
N THR G 6 -6.38 -16.67 -10.29
CA THR G 6 -7.44 -16.34 -11.23
C THR G 6 -7.09 -15.04 -11.92
N LYS G 7 -7.84 -14.76 -13.00
CA LYS G 7 -7.68 -13.53 -13.80
C LYS G 7 -6.30 -13.47 -14.43
N LEU G 8 -6.06 -14.42 -15.33
CA LEU G 8 -4.82 -14.45 -16.11
C LEU G 8 -5.04 -13.63 -17.38
N GLU G 9 -4.31 -12.54 -17.50
CA GLU G 9 -4.46 -11.61 -18.62
C GLU G 9 -3.09 -11.23 -19.15
N VAL G 10 -3.08 -10.66 -20.36
CA VAL G 10 -1.86 -10.16 -20.99
C VAL G 10 -1.87 -8.65 -20.84
N VAL G 11 -1.04 -8.14 -19.93
CA VAL G 11 -0.99 -6.70 -19.69
C VAL G 11 -0.38 -5.98 -20.89
N ALA G 12 0.78 -6.45 -21.35
CA ALA G 12 1.47 -5.86 -22.48
C ALA G 12 1.90 -6.95 -23.44
N ALA G 13 2.09 -6.56 -24.70
CA ALA G 13 2.44 -7.52 -25.74
C ALA G 13 3.37 -6.88 -26.74
N THR G 14 4.27 -7.69 -27.28
CA THR G 14 5.25 -7.35 -28.29
C THR G 14 5.41 -8.57 -29.18
N PRO G 15 5.66 -8.38 -30.49
CA PRO G 15 5.86 -9.53 -31.39
C PRO G 15 6.66 -10.68 -30.80
N THR G 16 7.59 -10.40 -29.90
CA THR G 16 8.44 -11.43 -29.31
C THR G 16 8.27 -11.60 -27.80
N SER G 17 7.37 -10.85 -27.17
CA SER G 17 7.28 -10.90 -25.71
C SER G 17 5.86 -10.65 -25.25
N LEU G 18 5.55 -11.19 -24.06
CA LEU G 18 4.24 -11.02 -23.43
C LEU G 18 4.45 -10.71 -21.96
N LEU G 19 3.57 -9.88 -21.42
CA LEU G 19 3.53 -9.57 -19.99
C LEU G 19 2.18 -10.01 -19.45
N ILE G 20 2.20 -10.91 -18.47
CA ILE G 20 0.97 -11.50 -17.96
C ILE G 20 0.81 -11.15 -16.49
N SER G 21 -0.43 -11.29 -16.01
CA SER G 21 -0.78 -10.98 -14.62
C SER G 21 -1.86 -11.95 -14.15
N TRP G 22 -2.02 -12.02 -12.83
CA TRP G 22 -3.05 -12.87 -12.22
C TRP G 22 -3.40 -12.32 -10.85
N ASP G 23 -4.61 -12.65 -10.40
CA ASP G 23 -5.04 -12.26 -9.07
C ASP G 23 -4.58 -13.32 -8.08
N ALA G 24 -3.67 -12.94 -7.18
CA ALA G 24 -3.09 -13.91 -6.25
C ALA G 24 -4.10 -14.43 -5.25
N GLY G 25 -5.19 -13.70 -5.00
CA GLY G 25 -6.18 -14.11 -4.04
C GLY G 25 -5.97 -13.44 -2.70
N HIS G 26 -6.70 -13.94 -1.71
CA HIS G 26 -6.60 -13.40 -0.37
C HIS G 26 -5.27 -13.78 0.27
N TRP G 27 -4.92 -13.05 1.33
CA TRP G 27 -3.60 -13.22 1.96
C TRP G 27 -3.41 -14.63 2.49
N TRP G 28 -4.50 -15.31 2.86
CA TRP G 28 -4.44 -16.71 3.28
C TRP G 28 -4.42 -17.67 2.10
N GLU G 29 -4.51 -17.17 0.86
CA GLU G 29 -4.39 -18.00 -0.33
C GLU G 29 -3.08 -17.80 -1.08
N TRP G 30 -2.25 -16.86 -0.66
CA TRP G 30 -0.97 -16.63 -1.34
C TRP G 30 -0.07 -17.86 -1.18
N VAL G 31 0.68 -18.15 -2.24
CA VAL G 31 1.52 -19.33 -2.30
C VAL G 31 2.97 -18.90 -2.40
N THR G 32 3.88 -19.85 -2.19
CA THR G 32 5.30 -19.55 -2.18
C THR G 32 5.91 -19.47 -3.58
N TYR G 33 5.23 -20.01 -4.59
CA TYR G 33 5.75 -19.95 -5.96
C TYR G 33 4.64 -20.33 -6.93
N TYR G 34 4.76 -19.83 -8.16
CA TYR G 34 3.90 -20.22 -9.26
C TYR G 34 4.75 -20.82 -10.38
N ARG G 35 4.22 -21.85 -11.03
CA ARG G 35 4.85 -22.44 -12.20
C ARG G 35 4.11 -21.96 -13.44
N ILE G 36 4.86 -21.41 -14.40
CA ILE G 36 4.27 -20.77 -15.56
C ILE G 36 4.70 -21.55 -16.81
N THR G 37 3.73 -22.06 -17.55
CA THR G 37 3.97 -22.84 -18.75
C THR G 37 3.49 -22.07 -19.97
N TYR G 38 4.32 -22.01 -21.00
CA TYR G 38 3.94 -21.38 -22.26
C TYR G 38 4.46 -22.21 -23.43
N GLY G 39 3.65 -22.28 -24.48
CA GLY G 39 4.03 -23.05 -25.65
C GLY G 39 3.15 -22.76 -26.83
N GLU G 40 3.70 -23.00 -28.02
CA GLU G 40 2.94 -22.83 -29.25
C GLU G 40 1.76 -23.78 -29.29
N THR G 41 0.55 -23.22 -29.40
CA THR G 41 -0.66 -24.03 -29.35
C THR G 41 -0.79 -24.83 -30.64
N GLY G 42 -0.93 -26.16 -30.50
CA GLY G 42 -1.07 -27.04 -31.64
C GLY G 42 0.23 -27.54 -32.23
N GLY G 43 1.34 -26.90 -31.93
CA GLY G 43 2.61 -27.29 -32.51
C GLY G 43 3.14 -28.59 -31.94
N ASN G 44 4.12 -29.16 -32.64
CA ASN G 44 4.77 -30.39 -32.21
C ASN G 44 5.97 -30.13 -31.31
N SER G 45 5.94 -29.07 -30.52
CA SER G 45 7.02 -28.69 -29.63
C SER G 45 6.58 -28.74 -28.18
N PRO G 46 7.45 -29.22 -27.28
CA PRO G 46 7.08 -29.25 -25.86
C PRO G 46 7.05 -27.85 -25.27
N VAL G 47 6.41 -27.76 -24.10
CA VAL G 47 6.24 -26.47 -23.43
C VAL G 47 7.49 -26.09 -22.68
N GLN G 48 7.74 -24.79 -22.58
CA GLN G 48 8.79 -24.25 -21.73
C GLN G 48 8.17 -23.78 -20.42
N GLU G 49 8.96 -23.83 -19.35
CA GLU G 49 8.45 -23.62 -18.01
C GLU G 49 9.46 -22.86 -17.17
N PHE G 50 8.96 -22.09 -16.20
CA PHE G 50 9.82 -21.42 -15.24
C PHE G 50 9.00 -21.10 -13.99
N THR G 51 9.69 -21.10 -12.85
CA THR G 51 9.06 -20.80 -11.56
C THR G 51 9.21 -19.32 -11.24
N VAL G 52 8.22 -18.80 -10.53
CA VAL G 52 8.17 -17.39 -10.17
C VAL G 52 7.81 -17.28 -8.70
N PRO G 53 8.48 -16.41 -7.92
CA PRO G 53 8.15 -16.29 -6.49
C PRO G 53 6.70 -15.90 -6.29
N GLY G 54 6.06 -16.55 -5.32
CA GLY G 54 4.65 -16.38 -5.05
C GLY G 54 4.23 -15.05 -4.48
N TYR G 55 5.18 -14.14 -4.23
CA TYR G 55 4.86 -12.80 -3.77
C TYR G 55 4.74 -11.80 -4.92
N SER G 56 4.58 -12.27 -6.15
CA SER G 56 4.40 -11.41 -7.31
C SER G 56 3.24 -11.91 -8.14
N SER G 57 2.51 -10.98 -8.74
CA SER G 57 1.35 -11.32 -9.56
C SER G 57 1.59 -11.12 -11.05
N THR G 58 2.80 -10.77 -11.46
CA THR G 58 3.12 -10.56 -12.86
C THR G 58 4.31 -11.43 -13.27
N ALA G 59 4.49 -11.56 -14.57
CA ALA G 59 5.59 -12.31 -15.16
C ALA G 59 5.64 -12.02 -16.64
N THR G 60 6.84 -12.05 -17.21
CA THR G 60 7.04 -11.77 -18.63
C THR G 60 7.51 -13.03 -19.34
N ILE G 61 7.06 -13.18 -20.59
CA ILE G 61 7.42 -14.30 -21.45
C ILE G 61 8.00 -13.72 -22.72
N SER G 62 9.31 -13.86 -22.90
CA SER G 62 10.03 -13.25 -24.02
C SER G 62 10.63 -14.34 -24.90
N GLY G 63 11.22 -13.91 -26.02
CA GLY G 63 11.80 -14.84 -26.97
C GLY G 63 10.79 -15.62 -27.78
N LEU G 64 9.62 -15.05 -28.00
CA LEU G 64 8.56 -15.72 -28.74
C LEU G 64 8.65 -15.38 -30.22
N LYS G 65 8.04 -16.24 -31.03
CA LYS G 65 8.05 -15.90 -32.46
C LYS G 65 6.83 -15.04 -32.80
N PRO G 66 7.00 -14.03 -33.63
CA PRO G 66 5.87 -13.14 -33.94
C PRO G 66 4.87 -13.81 -34.87
N GLY G 67 3.59 -13.65 -34.54
CA GLY G 67 2.50 -14.08 -35.38
C GLY G 67 1.90 -15.42 -35.04
N VAL G 68 2.54 -16.19 -34.16
CA VAL G 68 2.06 -17.54 -33.81
C VAL G 68 1.34 -17.46 -32.47
N ASP G 69 0.17 -18.09 -32.42
CA ASP G 69 -0.61 -18.15 -31.19
C ASP G 69 0.08 -19.08 -30.18
N TYR G 70 0.04 -18.68 -28.91
CA TYR G 70 0.62 -19.45 -27.82
C TYR G 70 -0.46 -19.77 -26.79
N THR G 71 -0.11 -20.63 -25.84
CA THR G 71 -0.94 -20.94 -24.68
C THR G 71 -0.11 -20.74 -23.42
N ILE G 72 -0.69 -20.07 -22.44
CA ILE G 72 0.00 -19.74 -21.19
C ILE G 72 -0.81 -20.30 -20.03
N THR G 73 -0.12 -20.91 -19.06
CA THR G 73 -0.77 -21.51 -17.91
C THR G 73 -0.01 -21.13 -16.64
N VAL G 74 -0.74 -20.99 -15.54
CA VAL G 74 -0.17 -20.65 -14.25
C VAL G 74 -0.62 -21.70 -13.24
N TYR G 75 0.34 -22.34 -12.57
CA TYR G 75 0.08 -23.38 -11.59
C TYR G 75 0.42 -22.90 -10.19
N ALA G 76 -0.40 -23.30 -9.23
CA ALA G 76 -0.04 -23.19 -7.82
C ALA G 76 0.94 -24.30 -7.48
N PRO G 77 1.57 -24.24 -6.29
CA PRO G 77 2.42 -25.37 -5.88
C PRO G 77 1.70 -26.70 -5.91
N THR G 78 0.47 -26.75 -5.42
CA THR G 78 -0.36 -27.93 -5.54
C THR G 78 -1.78 -27.50 -5.91
N SER G 79 -2.55 -28.45 -6.43
CA SER G 79 -3.93 -28.15 -6.81
C SER G 79 -4.89 -28.28 -5.63
N ASP G 80 -4.38 -28.51 -4.42
CA ASP G 80 -5.25 -28.47 -3.24
C ASP G 80 -5.89 -27.10 -3.08
N TYR G 81 -5.21 -26.05 -3.55
CA TYR G 81 -5.78 -24.71 -3.56
C TYR G 81 -6.82 -24.61 -4.67
N GLY G 82 -6.36 -24.45 -5.91
CA GLY G 82 -7.24 -24.37 -7.05
C GLY G 82 -6.64 -25.03 -8.27
N SER G 83 -7.40 -24.98 -9.36
CA SER G 83 -6.96 -25.55 -10.62
C SER G 83 -6.08 -24.55 -11.36
N PRO G 84 -5.16 -25.02 -12.21
CA PRO G 84 -4.40 -24.11 -13.06
C PRO G 84 -5.31 -23.46 -14.09
N ILE G 85 -4.98 -22.21 -14.43
CA ILE G 85 -5.77 -21.41 -15.35
C ILE G 85 -4.92 -21.08 -16.57
N SER G 86 -5.56 -21.05 -17.74
CA SER G 86 -4.87 -20.94 -19.02
C SER G 86 -5.51 -19.88 -19.89
N ILE G 87 -4.70 -19.32 -20.80
CA ILE G 87 -5.15 -18.37 -21.81
C ILE G 87 -4.44 -18.67 -23.12
N ASN G 88 -4.93 -18.04 -24.19
CA ASN G 88 -4.28 -18.05 -25.48
C ASN G 88 -4.02 -16.61 -25.92
N TYR G 89 -2.90 -16.40 -26.63
CA TYR G 89 -2.55 -15.08 -27.12
C TYR G 89 -1.65 -15.21 -28.35
N ARG G 90 -2.02 -14.52 -29.42
CA ARG G 90 -1.24 -14.50 -30.65
C ARG G 90 -0.37 -13.24 -30.66
N THR G 91 0.94 -13.43 -30.63
CA THR G 91 1.90 -12.33 -30.53
C THR G 91 1.87 -11.41 -31.75
N SER H 3 50.79 -19.34 5.53
CA SER H 3 50.12 -20.47 4.90
C SER H 3 49.25 -20.04 3.73
N VAL H 4 48.03 -19.61 4.02
CA VAL H 4 47.01 -19.31 3.02
C VAL H 4 46.87 -17.80 2.91
N PRO H 5 46.88 -17.22 1.70
CA PRO H 5 47.23 -17.90 0.45
C PRO H 5 48.72 -17.72 0.14
N THR H 6 49.18 -18.14 -1.03
CA THR H 6 50.59 -18.04 -1.39
C THR H 6 50.74 -17.99 -2.90
N LYS H 7 51.94 -17.61 -3.33
CA LYS H 7 52.38 -17.66 -4.72
C LYS H 7 51.52 -16.75 -5.61
N LEU H 8 51.70 -15.44 -5.41
CA LEU H 8 50.96 -14.44 -6.16
C LEU H 8 51.79 -14.02 -7.37
N GLU H 9 51.48 -14.60 -8.53
CA GLU H 9 52.15 -14.30 -9.78
C GLU H 9 51.30 -13.38 -10.63
N VAL H 10 51.92 -12.87 -11.70
CA VAL H 10 51.24 -12.08 -12.72
C VAL H 10 51.41 -12.88 -14.01
N VAL H 11 50.41 -13.72 -14.33
CA VAL H 11 50.53 -14.66 -15.43
C VAL H 11 50.54 -13.93 -16.77
N ALA H 12 49.74 -12.88 -16.90
CA ALA H 12 49.69 -12.10 -18.12
C ALA H 12 49.55 -10.63 -17.77
N ALA H 13 49.92 -9.76 -18.72
CA ALA H 13 49.91 -8.33 -18.47
C ALA H 13 49.91 -7.57 -19.78
N THR H 14 49.01 -6.60 -19.88
CA THR H 14 49.02 -5.54 -20.87
C THR H 14 49.25 -4.21 -20.17
N PRO H 15 49.61 -3.15 -20.91
CA PRO H 15 49.88 -1.85 -20.25
C PRO H 15 48.78 -1.34 -19.34
N THR H 16 47.55 -1.85 -19.49
CA THR H 16 46.42 -1.37 -18.72
C THR H 16 45.74 -2.41 -17.85
N SER H 17 46.25 -3.66 -17.83
CA SER H 17 45.60 -4.69 -17.01
C SER H 17 46.61 -5.77 -16.66
N LEU H 18 46.32 -6.46 -15.55
CA LEU H 18 47.15 -7.56 -15.07
C LEU H 18 46.28 -8.76 -14.76
N LEU H 19 46.73 -9.95 -15.16
CA LEU H 19 46.06 -11.21 -14.86
C LEU H 19 46.88 -11.94 -13.81
N ILE H 20 46.36 -12.00 -12.59
CA ILE H 20 47.10 -12.54 -11.46
C ILE H 20 46.52 -13.90 -11.08
N SER H 21 47.31 -14.64 -10.29
CA SER H 21 46.93 -15.97 -9.83
C SER H 21 47.57 -16.23 -8.48
N TRP H 22 47.08 -17.26 -7.80
CA TRP H 22 47.61 -17.61 -6.49
C TRP H 22 47.26 -19.07 -6.19
N ASP H 23 47.99 -19.63 -5.23
CA ASP H 23 47.75 -21.00 -4.78
C ASP H 23 46.81 -20.97 -3.58
N ALA H 24 45.69 -21.68 -3.68
CA ALA H 24 44.69 -21.67 -2.61
C ALA H 24 44.97 -22.68 -1.52
N GLY H 25 45.99 -23.53 -1.68
CA GLY H 25 46.18 -24.66 -0.79
C GLY H 25 45.37 -25.84 -1.26
N HIS H 26 44.92 -26.70 -0.34
CA HIS H 26 44.14 -27.86 -0.73
C HIS H 26 43.14 -28.21 0.36
N TRP H 27 41.92 -28.54 -0.06
CA TRP H 27 40.91 -29.15 0.80
C TRP H 27 40.64 -28.33 2.06
N TRP H 28 41.40 -28.59 3.12
CA TRP H 28 41.10 -28.02 4.43
C TRP H 28 41.51 -26.56 4.58
N GLU H 29 42.18 -25.98 3.57
CA GLU H 29 42.60 -24.59 3.63
C GLU H 29 41.82 -23.67 2.70
N TRP H 30 40.93 -24.21 1.87
CA TRP H 30 40.15 -23.38 0.97
C TRP H 30 39.17 -22.51 1.75
N VAL H 31 39.23 -21.21 1.52
CA VAL H 31 38.37 -20.27 2.21
C VAL H 31 37.16 -19.95 1.33
N THR H 32 36.21 -19.19 1.87
CA THR H 32 35.00 -18.87 1.14
C THR H 32 35.21 -17.74 0.14
N TYR H 33 36.16 -16.85 0.39
CA TYR H 33 36.36 -15.71 -0.50
C TYR H 33 37.75 -15.13 -0.28
N TYR H 34 38.25 -14.47 -1.33
CA TYR H 34 39.48 -13.69 -1.25
C TYR H 34 39.16 -12.24 -1.60
N ARG H 35 39.91 -11.32 -1.01
CA ARG H 35 39.79 -9.91 -1.31
C ARG H 35 41.07 -9.42 -1.95
N ILE H 36 40.96 -8.78 -3.11
CA ILE H 36 42.10 -8.27 -3.85
C ILE H 36 42.05 -6.75 -3.82
N THR H 37 43.17 -6.12 -3.50
CA THR H 37 43.30 -4.66 -3.52
C THR H 37 44.49 -4.28 -4.37
N TYR H 38 44.31 -3.26 -5.22
CA TYR H 38 45.39 -2.79 -6.09
C TYR H 38 45.46 -1.27 -6.06
N GLY H 39 46.67 -0.75 -6.08
CA GLY H 39 46.89 0.68 -6.07
C GLY H 39 48.33 1.01 -6.38
N GLU H 40 48.55 2.27 -6.72
CA GLU H 40 49.89 2.74 -7.03
C GLU H 40 50.80 2.55 -5.83
N THR H 41 52.03 2.10 -6.09
CA THR H 41 52.96 1.78 -5.01
C THR H 41 53.27 2.99 -4.14
N GLY H 42 53.04 4.20 -4.64
CA GLY H 42 53.37 5.41 -3.90
C GLY H 42 52.18 6.15 -3.34
N GLY H 43 51.65 7.12 -4.12
CA GLY H 43 50.65 8.04 -3.59
C GLY H 43 49.33 7.40 -3.24
N ASN H 44 48.92 6.38 -4.01
CA ASN H 44 47.71 5.61 -3.76
C ASN H 44 46.43 6.43 -3.85
N SER H 45 46.37 7.55 -3.12
CA SER H 45 45.17 8.35 -2.94
C SER H 45 44.13 7.45 -2.24
N PRO H 46 43.24 6.69 -2.94
CA PRO H 46 42.74 5.47 -2.31
C PRO H 46 43.05 4.23 -3.14
N VAL H 47 43.06 3.06 -2.49
CA VAL H 47 43.24 1.80 -3.20
C VAL H 47 41.90 1.36 -3.77
N GLN H 48 41.97 0.61 -4.87
CA GLN H 48 40.81 -0.03 -5.46
C GLN H 48 40.77 -1.48 -5.04
N GLU H 49 39.57 -2.00 -4.79
CA GLU H 49 39.44 -3.34 -4.24
C GLU H 49 38.25 -4.05 -4.87
N PHE H 50 38.31 -5.38 -4.86
CA PHE H 50 37.19 -6.23 -5.20
C PHE H 50 37.41 -7.57 -4.51
N THR H 51 36.42 -8.45 -4.65
CA THR H 51 36.44 -9.75 -3.99
C THR H 51 36.06 -10.84 -5.00
N VAL H 52 36.61 -12.03 -4.79
CA VAL H 52 36.35 -13.18 -5.64
C VAL H 52 35.97 -14.37 -4.77
N PRO H 53 35.11 -15.27 -5.26
CA PRO H 53 34.74 -16.44 -4.45
C PRO H 53 35.93 -17.35 -4.18
N GLY H 54 35.85 -18.12 -3.11
CA GLY H 54 36.98 -18.90 -2.65
C GLY H 54 37.38 -20.03 -3.58
N TYR H 55 36.44 -20.53 -4.39
CA TYR H 55 36.76 -21.62 -5.30
C TYR H 55 37.60 -21.19 -6.49
N SER H 56 37.69 -19.89 -6.75
CA SER H 56 38.54 -19.37 -7.82
C SER H 56 39.93 -19.06 -7.29
N SER H 57 40.90 -19.09 -8.19
CA SER H 57 42.29 -18.78 -7.85
C SER H 57 42.92 -17.77 -8.81
N THR H 58 42.14 -17.14 -9.67
CA THR H 58 42.63 -16.11 -10.58
C THR H 58 41.77 -14.86 -10.42
N ALA H 59 42.30 -13.75 -10.94
CA ALA H 59 41.59 -12.48 -10.92
C ALA H 59 42.20 -11.56 -11.96
N THR H 60 41.38 -10.67 -12.50
CA THR H 60 41.81 -9.70 -13.50
C THR H 60 41.69 -8.29 -12.91
N ILE H 61 42.77 -7.53 -13.01
CA ILE H 61 42.82 -6.14 -12.57
C ILE H 61 42.86 -5.28 -13.82
N SER H 62 41.86 -4.43 -14.02
CA SER H 62 41.72 -3.64 -15.23
C SER H 62 41.63 -2.17 -14.90
N GLY H 63 41.92 -1.33 -15.90
CA GLY H 63 41.83 0.11 -15.75
C GLY H 63 43.09 0.77 -15.25
N LEU H 64 44.22 0.08 -15.28
CA LEU H 64 45.46 0.63 -14.75
C LEU H 64 46.04 1.68 -15.70
N LYS H 65 46.84 2.57 -15.12
CA LYS H 65 47.53 3.58 -15.90
C LYS H 65 48.91 3.06 -16.31
N PRO H 66 49.23 3.07 -17.60
CA PRO H 66 50.47 2.44 -18.05
C PRO H 66 51.70 3.19 -17.55
N GLY H 67 52.73 2.43 -17.18
CA GLY H 67 53.96 3.00 -16.69
C GLY H 67 53.99 3.29 -15.20
N VAL H 68 52.92 3.00 -14.47
CA VAL H 68 52.86 3.23 -13.04
C VAL H 68 53.13 1.92 -12.32
N ASP H 69 53.90 1.99 -11.23
CA ASP H 69 54.16 0.81 -10.41
C ASP H 69 53.02 0.62 -9.44
N TYR H 70 52.33 -0.52 -9.55
CA TYR H 70 51.20 -0.85 -8.68
C TYR H 70 51.60 -1.95 -7.71
N THR H 71 51.01 -1.90 -6.51
CA THR H 71 51.15 -2.96 -5.52
C THR H 71 49.83 -3.71 -5.43
N ILE H 72 49.90 -5.04 -5.45
CA ILE H 72 48.72 -5.90 -5.47
C ILE H 72 48.76 -6.80 -4.24
N THR H 73 47.72 -6.71 -3.42
CA THR H 73 47.62 -7.51 -2.21
C THR H 73 46.40 -8.42 -2.28
N VAL H 74 46.53 -9.61 -1.68
CA VAL H 74 45.48 -10.62 -1.66
C VAL H 74 45.24 -11.02 -0.21
N TYR H 75 44.01 -10.84 0.27
CA TYR H 75 43.68 -11.07 1.66
C TYR H 75 42.76 -12.28 1.82
N ALA H 76 42.90 -12.95 2.95
CA ALA H 76 42.01 -14.01 3.37
C ALA H 76 40.83 -13.43 4.12
N PRO H 77 39.79 -14.22 4.38
CA PRO H 77 38.67 -13.70 5.19
C PRO H 77 39.11 -13.17 6.55
N THR H 78 39.92 -13.95 7.28
CA THR H 78 40.38 -13.56 8.61
C THR H 78 41.91 -13.58 8.65
N SER H 79 42.45 -13.25 9.81
CA SER H 79 43.90 -13.28 10.04
C SER H 79 44.40 -14.66 10.44
N ASP H 80 43.51 -15.58 10.78
CA ASP H 80 43.90 -16.89 11.28
C ASP H 80 44.23 -17.86 10.14
N TYR H 81 44.80 -17.35 9.06
CA TYR H 81 45.06 -18.19 7.90
C TYR H 81 46.52 -18.22 7.45
N GLY H 82 47.21 -17.09 7.46
CA GLY H 82 48.62 -17.12 7.14
C GLY H 82 49.22 -15.86 6.53
N SER H 83 48.75 -14.70 6.99
CA SER H 83 49.29 -13.38 6.64
C SER H 83 49.02 -13.03 5.18
N PRO H 84 48.78 -11.76 4.88
CA PRO H 84 48.47 -11.37 3.50
C PRO H 84 49.65 -11.60 2.55
N ILE H 85 49.33 -11.59 1.26
CA ILE H 85 50.31 -11.67 0.19
C ILE H 85 50.29 -10.34 -0.56
N SER H 86 51.47 -9.90 -0.99
CA SER H 86 51.59 -8.62 -1.68
C SER H 86 52.77 -8.66 -2.64
N ILE H 87 52.57 -8.11 -3.83
CA ILE H 87 53.62 -8.01 -4.83
C ILE H 87 53.61 -6.61 -5.42
N ASN H 88 54.73 -6.25 -6.06
CA ASN H 88 54.83 -5.02 -6.81
C ASN H 88 55.02 -5.33 -8.29
N TYR H 89 54.50 -4.43 -9.14
CA TYR H 89 54.54 -4.63 -10.58
C TYR H 89 54.31 -3.32 -11.33
N ARG H 90 55.19 -2.97 -12.26
CA ARG H 90 54.99 -1.81 -13.12
C ARG H 90 54.41 -2.26 -14.45
N THR H 91 53.28 -1.67 -14.82
CA THR H 91 52.58 -2.05 -16.05
C THR H 91 53.42 -1.76 -17.28
C1 DMU I . -24.24 10.83 -13.82
C2 DMU I . -25.14 10.32 -14.90
C3 DMU I . -26.50 9.97 -14.44
C4 DMU I . -27.11 11.15 -13.68
O5 DMU I . -26.29 11.50 -12.50
C6 DMU I . -24.88 11.78 -12.81
O7 DMU I . -27.33 9.65 -15.59
O16 DMU I . -24.16 11.67 -11.62
C18 DMU I . -23.48 12.85 -11.20
C19 DMU I . -22.37 12.42 -10.16
C22 DMU I . -21.49 13.66 -9.83
C25 DMU I . -22.37 14.77 -9.19
C28 DMU I . -21.68 16.15 -9.40
C31 DMU I . -21.59 16.90 -8.05
C34 DMU I . -20.28 17.72 -8.03
C37 DMU I . -19.77 17.87 -6.58
C40 DMU I . -18.87 19.11 -6.50
C43 DMU I . -17.77 18.86 -5.46
O49 DMU I . -23.14 11.51 -14.44
O55 DMU I . -24.51 9.13 -15.45
C57 DMU I . -28.48 10.81 -13.21
O61 DMU I . -29.04 11.92 -12.57
C5 DMU I . -26.87 7.78 -16.97
C7 DMU I . -27.40 6.51 -17.43
C8 DMU I . -28.02 5.71 -16.36
C9 DMU I . -29.24 6.44 -15.71
O1 DMU I . -28.95 7.95 -15.66
C10 DMU I . -27.52 8.27 -15.70
O2 DMU I . -28.45 4.47 -16.90
O3 DMU I . -27.07 8.81 -18.02
O4 DMU I . -26.28 5.72 -18.04
C11 DMU I . -29.45 5.97 -14.40
O6 DMU I . -30.55 5.09 -14.37
C2 U4G J . -16.92 51.65 -33.38
C1 U4G J . -17.09 50.76 -34.61
C8 U4G J . -12.21 53.98 -27.92
C7 U4G J . -12.46 52.92 -28.99
C9 U4G J . -9.97 54.22 -26.77
N1 U4G J . -11.22 53.51 -26.96
N2 U4G J . -9.73 55.26 -27.43
N3 U4G J . -9.13 53.80 -25.94
C6 U4G J . -13.86 53.03 -29.58
C5 U4G J . -14.04 52.14 -30.81
C4 U4G J . -15.38 52.37 -31.50
C3 U4G J . -15.52 51.56 -32.78
C2 U4G K . -16.81 22.63 -3.71
C1 U4G K . -15.64 22.66 -2.74
C8 U4G K . -16.09 26.36 -8.81
C7 U4G K . -17.14 25.30 -9.15
C9 U4G K . -15.42 27.35 -11.02
N1 U4G K . -15.13 26.48 -9.89
N2 U4G K . -16.50 27.99 -11.06
N3 U4G K . -14.59 27.46 -11.95
C6 U4G K . -17.75 24.70 -7.89
C5 U4G K . -16.73 23.94 -7.06
C4 U4G K . -17.38 22.89 -6.16
C3 U4G K . -16.38 22.34 -5.15
C2 U4G L . -3.24 34.08 -23.16
C1 U4G L . -3.04 33.29 -24.45
C8 U4G L . -3.94 40.53 -21.55
C7 U4G L . -2.84 39.61 -22.06
C9 U4G L . -3.58 42.98 -21.10
N1 U4G L . -3.37 41.59 -20.75
N2 U4G L . -4.26 43.27 -22.12
N3 U4G L . -3.09 43.88 -20.39
C6 U4G L . -3.33 38.67 -23.16
C5 U4G L . -4.43 37.74 -22.67
C4 U4G L . -3.91 36.36 -22.27
C3 U4G L . -4.07 35.35 -23.40
C2 U4G M . -5.43 8.41 -3.06
C1 U4G M . -5.11 9.60 -2.16
C8 U4G M . -8.33 2.95 -3.62
C7 U4G M . -8.44 4.44 -3.30
C9 U4G M . -10.29 1.61 -4.46
N1 U4G M . -9.24 2.60 -4.68
N2 U4G M . -11.08 1.32 -5.38
N3 U4G M . -10.39 1.06 -3.34
C6 U4G M . -8.93 5.25 -4.49
C5 U4G M . -8.71 6.74 -4.29
C4 U4G M . -7.22 7.10 -4.28
C3 U4G M . -6.92 8.31 -3.40
C2 U4G N . -22.67 7.80 2.58
C1 U4G N . -21.18 8.06 2.37
C8 U4G N . -27.88 7.45 0.54
C7 U4G N . -26.92 6.58 1.34
C9 U4G N . -28.65 7.27 -1.85
N1 U4G N . -28.50 6.69 -0.53
N2 U4G N . -28.25 8.43 -2.08
N3 U4G N . -29.18 6.60 -2.77
C6 U4G N . -26.21 7.35 2.46
C5 U4G N . -25.48 6.43 3.43
C4 U4G N . -24.22 5.82 2.81
C3 U4G N . -22.94 6.49 3.31
C1 DMU O . -26.92 10.94 -8.60
C2 DMU O . -27.12 9.60 -9.23
C3 DMU O . -28.03 8.70 -8.49
C4 DMU O . -28.17 9.04 -7.00
O5 DMU O . -26.90 9.62 -6.47
C6 DMU O . -26.51 10.87 -7.12
O7 DMU O . -29.33 8.71 -9.13
O16 DMU O . -25.12 11.01 -7.04
C18 DMU O . -24.61 11.00 -5.70
C19 DMU O . -23.36 11.95 -5.62
C22 DMU O . -22.26 11.42 -6.59
C25 DMU O . -20.99 12.31 -6.49
C28 DMU O . -20.18 11.96 -5.19
C31 DMU O . -20.22 10.44 -4.93
C34 DMU O . -20.22 10.19 -3.40
C37 DMU O . -21.66 9.97 -2.91
C40 DMU O . -21.66 9.14 -1.61
C43 DMU O . -22.87 9.52 -0.76
O49 DMU O . -28.11 11.71 -8.75
O55 DMU O . -25.82 8.93 -9.32
C57 DMU O . -28.46 7.80 -6.23
O61 DMU O . -29.84 7.61 -6.14
C5 DMU O . -30.41 7.51 -10.91
C7 DMU O . -31.14 6.28 -11.17
C8 DMU O . -31.98 5.80 -10.05
C9 DMU O . -31.66 6.47 -8.67
O1 DMU O . -30.14 6.59 -8.60
C10 DMU O . -29.57 7.44 -9.66
O2 DMU O . -33.35 6.03 -10.37
O3 DMU O . -31.35 8.66 -10.84
O4 DMU O . -30.14 5.22 -11.47
C11 DMU O . -32.11 5.64 -7.62
O6 DMU O . -33.53 5.64 -7.58
C2 U4G P . -20.30 1.34 5.27
C1 U4G P . -20.03 1.85 6.69
C8 U4G P . -27.09 1.73 4.39
C7 U4G P . -26.22 1.01 5.42
C9 U4G P . -29.03 3.31 4.74
N1 U4G P . -27.63 2.95 4.97
N2 U4G P . -29.49 4.37 5.22
N3 U4G P . -29.77 2.55 4.06
C6 U4G P . -25.08 1.91 5.93
C5 U4G P . -23.98 2.12 4.90
C4 U4G P . -22.62 2.33 5.56
C3 U4G P . -21.46 2.09 4.61
C1 DMU Q . 7.92 -29.92 -3.19
C2 DMU Q . 7.33 -30.69 -4.31
C3 DMU Q . 5.87 -30.87 -4.20
C4 DMU Q . 5.10 -29.61 -3.76
O5 DMU Q . 5.85 -28.57 -2.98
C6 DMU Q . 7.31 -28.52 -3.13
O7 DMU Q . 5.48 -31.33 -5.52
O16 DMU Q . 7.86 -27.84 -2.04
C18 DMU Q . 8.61 -26.69 -2.39
C19 DMU Q . 10.00 -26.73 -1.63
C22 DMU Q . 10.17 -25.43 -0.79
C25 DMU Q . 11.68 -25.04 -0.77
C28 DMU Q . 12.44 -25.91 0.28
C31 DMU Q . 12.63 -25.08 1.58
C34 DMU Q . 13.95 -24.27 1.47
C37 DMU Q . 13.94 -23.15 2.52
C40 DMU Q . 14.40 -21.83 1.86
C43 DMU Q . 14.73 -20.80 2.94
O49 DMU Q . 9.33 -29.77 -3.41
O55 DMU Q . 7.99 -32.00 -4.38
C57 DMU Q . 3.97 -29.99 -2.85
O61 DMU Q . 4.09 -29.32 -1.63
C5 DMU Q . 3.91 -33.00 -4.73
C7 DMU Q . 2.50 -33.29 -4.61
C8 DMU Q . 1.68 -32.66 -5.68
C9 DMU Q . 2.36 -32.68 -7.09
O1 DMU Q . 3.76 -32.06 -6.99
C10 DMU Q . 4.15 -31.80 -5.61
O2 DMU Q . 0.41 -33.30 -5.74
O3 DMU Q . 4.60 -34.17 -5.30
O4 DMU Q . 2.02 -32.80 -3.29
C11 DMU Q . 1.58 -31.91 -8.00
O6 DMU Q . 0.56 -32.72 -8.55
C2 U4G R . 17.89 -21.56 4.59
C1 U4G R . 19.36 -21.31 4.28
C8 U4G R . 16.58 -25.54 10.11
C7 U4G R . 17.55 -24.53 9.48
C9 U4G R . 17.35 -26.16 12.40
N1 U4G R . 16.52 -25.34 11.53
N2 U4G R . 17.30 -26.01 13.64
N3 U4G R . 18.10 -27.03 11.88
C6 U4G R . 17.73 -24.80 7.99
C5 U4G R . 18.21 -23.56 7.24
C4 U4G R . 17.07 -22.72 6.68
C3 U4G R . 17.58 -21.42 6.07
C2 U4G S . 20.03 -46.75 37.18
C1 U4G S . 19.72 -48.14 36.63
C8 U4G S . 24.65 -41.65 38.92
C7 U4G S . 23.34 -42.31 38.46
C9 U4G S . 24.88 -39.19 39.38
N1 U4G S . 24.35 -40.49 39.74
N2 U4G S . 25.59 -39.06 38.36
N3 U4G S . 24.62 -38.20 40.09
C6 U4G S . 23.54 -43.11 37.19
C5 U4G S . 23.26 -44.60 37.38
C4 U4G S . 21.77 -44.93 37.39
C3 U4G S . 21.51 -46.41 37.12
C2 U4G T . 9.37 -27.43 29.45
C1 U4G T . 8.68 -26.70 30.60
C8 U4G T . 15.44 -28.52 33.02
C7 U4G T . 14.75 -27.51 32.11
C9 U4G T . 17.90 -28.12 33.33
N1 U4G T . 16.52 -27.90 33.75
N2 U4G T . 18.14 -28.85 32.34
N3 U4G T . 18.83 -27.59 33.96
C6 U4G T . 14.07 -28.18 30.92
C5 U4G T . 13.19 -27.24 30.10
C4 U4G T . 11.71 -27.44 30.42
C3 U4G T . 10.82 -26.98 29.27
C1 DMU U . 6.53 -28.69 -8.12
C2 DMU U . 5.89 -29.88 -8.77
C3 DMU U . 6.32 -30.04 -10.16
C4 DMU U . 7.82 -29.74 -10.40
O5 DMU U . 8.64 -29.61 -9.16
C6 DMU U . 8.05 -28.87 -8.03
O7 DMU U . 6.08 -31.41 -10.57
O16 DMU U . 8.66 -27.63 -7.94
C18 DMU U . 9.77 -27.62 -7.03
C19 DMU U . 10.40 -26.19 -6.93
C22 DMU U . 9.45 -25.24 -6.15
C25 DMU U . 10.24 -24.02 -5.59
C28 DMU U . 11.32 -23.56 -6.63
C31 DMU U . 12.35 -22.66 -5.92
C34 DMU U . 13.66 -22.58 -6.77
C37 DMU U . 14.81 -22.09 -5.90
C40 DMU U . 15.97 -21.62 -6.80
C43 DMU U . 17.30 -22.07 -6.19
O49 DMU U . 6.00 -28.53 -6.80
O55 DMU U . 4.44 -29.70 -8.73
C57 DMU U . 7.97 -28.51 -11.25
O61 DMU U . 9.16 -28.60 -11.96
C5 DMU U . 3.80 -31.84 -10.98
C7 DMU U . 2.90 -32.54 -11.88
C8 DMU U . 3.14 -32.25 -13.30
C9 DMU U . 4.61 -32.57 -13.78
O1 DMU U . 5.55 -32.45 -12.58
C10 DMU U . 5.12 -31.47 -11.58
O2 DMU U . 2.25 -33.05 -14.07
O3 DMU U . 4.08 -32.72 -9.82
O4 DMU U . 1.51 -32.13 -11.55
C11 DMU U . 5.00 -31.65 -14.78
O6 DMU U . 6.38 -31.41 -14.68
C2 U4G V . 13.61 -18.00 -8.70
C1 U4G V . 12.99 -19.20 -7.97
C8 U4G V . 12.98 -20.08 -13.21
C7 U4G V . 13.03 -18.73 -13.93
C9 U4G V . 13.02 -22.51 -13.88
N1 U4G V . 13.45 -21.14 -14.09
N2 U4G V . 13.42 -23.41 -14.65
N3 U4G V . 12.24 -22.79 -12.94
C6 U4G V . 13.99 -17.75 -13.28
C5 U4G V . 13.26 -16.77 -12.35
C4 U4G V . 13.81 -16.81 -10.93
C3 U4G V . 13.47 -18.11 -10.21
C2 U4G W . 4.70 -9.84 1.81
C1 U4G W . 6.20 -9.61 1.83
C8 U4G W . 0.57 -9.97 -3.69
C7 U4G W . 1.96 -9.33 -3.57
C9 U4G W . 1.08 -12.36 -4.31
N1 U4G W . 0.62 -11.38 -3.34
N2 U4G W . 1.44 -12.00 -5.45
N3 U4G W . 1.11 -13.57 -4.00
C6 U4G W . 2.29 -8.88 -2.15
C5 U4G W . 2.68 -10.06 -1.24
C4 U4G W . 4.07 -9.90 -0.65
C3 U4G W . 4.23 -10.71 0.64
#